data_7C70
#
_entry.id   7C70
#
_cell.length_a   55.240
_cell.length_b   98.960
_cell.length_c   66.560
_cell.angle_alpha   90.000
_cell.angle_beta   103.250
_cell.angle_gamma   90.000
#
_symmetry.space_group_name_H-M   'P 1 21 1'
#
loop_
_entity.id
_entity.type
_entity.pdbx_description
1 polymer 'Sugar ABC transporter, periplasmic sugar-binding protein'
2 branched beta-D-glucopyranose-(1-6)-beta-D-glucopyranose
3 non-polymer 'SULFUR DIOXIDE'
4 non-polymer 'SULFITE ION'
5 non-polymer 'CARBON DIOXIDE'
6 non-polymer S-1,2-PROPANEDIOL
7 non-polymer 1,2-ETHANEDIOL
8 non-polymer DI(HYDROXYETHYL)ETHER
9 non-polymer 'SULFATE ION'
10 non-polymer 'PHOSPHATE ION'
11 non-polymer IMIDAZOLE
12 water water
#
_entity_poly.entity_id   1
_entity_poly.type   'polypeptide(L)'
_entity_poly.pdbx_seq_one_letter_code
;MQKTLEVWIMPNSPQPAEDFKALVAPFEKAHGVEVKVTVLDWGVAWTKITTAATSGVGPDLTQLGTTAVGAISAMGVLEP
VDDVLEALGGEKAYLPAVWRTTRLEGARQATAVPWFSELRAFYYRTDALKAAGVNPAEMFASWQGFEAGLARLKASSFRD
PETKAPLAPLCTPGKNSWDVLHNAAPWIWGAGGEIVRQAGGRWQSALNSPESLEGLYFFLSLAQKGYVPAESLEKNTAQI
EADFQAGKCAVFASGPWMIQRAQVPEAKGGFAERTAAKNLGVAPYPAGPKGRYTFFGGSNLALFNFSKNKPLAKELLKYL
GGPEAQVRYAQMTGMLPALRSAWSDPSFQQNPLLRTFIQAAQFGRTYPSLAGWGGVENLAVQHLGMAWDLVAQGRLTREA
LKDLMDKASAAINQALRHHHHHH
;
_entity_poly.pdbx_strand_id   A,B
#
# COMPACT_ATOMS: atom_id res chain seq x y z
N MET A 1 26.17 0.72 24.84
CA MET A 1 25.68 0.53 26.25
C MET A 1 24.19 0.88 26.32
N GLN A 2 23.75 2.01 25.74
CA GLN A 2 22.31 2.41 25.68
C GLN A 2 21.53 1.25 25.03
N LYS A 3 20.47 0.78 25.68
CA LYS A 3 19.60 -0.29 25.14
C LYS A 3 18.75 0.29 24.02
N THR A 4 18.39 -0.57 23.08
CA THR A 4 17.54 -0.13 21.93
CA THR A 4 17.61 -0.20 21.87
C THR A 4 16.30 -1.01 21.83
N LEU A 5 15.22 -0.39 21.40
CA LEU A 5 13.98 -1.13 21.10
C LEU A 5 13.77 -0.95 19.62
N GLU A 6 13.37 -2.00 18.97
CA GLU A 6 13.04 -1.97 17.54
C GLU A 6 11.50 -1.98 17.42
N VAL A 7 10.95 -1.01 16.72
CA VAL A 7 9.49 -0.83 16.57
C VAL A 7 9.18 -0.71 15.07
N TRP A 8 8.27 -1.53 14.58
CA TRP A 8 7.77 -1.45 13.20
C TRP A 8 6.45 -0.72 13.20
N ILE A 9 6.34 0.30 12.33
CA ILE A 9 5.06 1.00 12.15
C ILE A 9 4.70 1.06 10.69
N MET A 10 3.44 1.39 10.39
CA MET A 10 3.00 1.64 9.01
C MET A 10 2.98 3.15 8.80
N PRO A 11 2.70 3.62 7.55
CA PRO A 11 2.80 5.05 7.27
C PRO A 11 1.58 5.78 7.75
N ASN A 12 1.49 6.09 9.04
CA ASN A 12 0.25 6.58 9.64
C ASN A 12 0.12 8.10 9.56
N SER A 13 1.19 8.81 9.31
CA SER A 13 1.22 10.30 9.41
C SER A 13 2.02 10.81 8.22
N PRO A 14 2.06 12.13 7.96
CA PRO A 14 2.73 12.60 6.75
C PRO A 14 4.25 12.33 6.66
N GLN A 15 4.94 12.30 7.79
CA GLN A 15 6.38 11.94 7.85
CA GLN A 15 6.38 11.94 7.85
C GLN A 15 6.49 10.81 8.86
N PRO A 16 6.21 9.56 8.47
CA PRO A 16 5.98 8.51 9.45
C PRO A 16 7.08 8.33 10.49
N ALA A 17 8.32 8.16 10.04
CA ALA A 17 9.46 7.95 10.94
C ALA A 17 9.71 9.18 11.80
N GLU A 18 9.79 10.34 11.20
CA GLU A 18 10.14 11.58 11.91
CA GLU A 18 10.12 11.61 11.88
C GLU A 18 9.06 11.89 12.93
N ASP A 19 7.78 11.75 12.55
CA ASP A 19 6.68 12.03 13.50
C ASP A 19 6.78 11.07 14.68
N PHE A 20 6.99 9.78 14.41
CA PHE A 20 7.05 8.78 15.48
C PHE A 20 8.24 9.03 16.41
N LYS A 21 9.38 9.32 15.85
CA LYS A 21 10.59 9.63 16.66
C LYS A 21 10.38 10.89 17.51
N ALA A 22 9.69 11.91 17.01
CA ALA A 22 9.35 13.11 17.82
C ALA A 22 8.49 12.67 18.98
N LEU A 23 7.48 11.83 18.69
CA LEU A 23 6.52 11.35 19.70
C LEU A 23 7.23 10.63 20.85
N VAL A 24 8.21 9.78 20.55
CA VAL A 24 8.85 8.95 21.60
C VAL A 24 10.13 9.61 22.17
N ALA A 25 10.56 10.74 21.64
CA ALA A 25 11.79 11.37 22.17
C ALA A 25 11.71 11.58 23.68
N PRO A 26 10.62 12.09 24.28
CA PRO A 26 10.59 12.22 25.76
C PRO A 26 10.74 10.90 26.52
N PHE A 27 10.17 9.81 25.99
CA PHE A 27 10.28 8.44 26.53
C PHE A 27 11.75 7.99 26.51
N GLU A 28 12.46 8.24 25.38
CA GLU A 28 13.86 7.86 25.20
C GLU A 28 14.74 8.54 26.28
N LYS A 29 14.47 9.81 26.48
CA LYS A 29 15.24 10.62 27.47
C LYS A 29 14.92 10.05 28.85
N ALA A 30 13.64 9.85 29.15
CA ALA A 30 13.24 9.42 30.53
C ALA A 30 13.83 8.05 30.87
N HIS A 31 13.95 7.10 29.93
CA HIS A 31 14.44 5.72 30.21
C HIS A 31 15.89 5.47 29.82
N GLY A 32 16.52 6.41 29.15
CA GLY A 32 17.89 6.21 28.68
C GLY A 32 17.96 5.13 27.63
N VAL A 33 17.02 5.10 26.69
CA VAL A 33 17.02 4.06 25.64
C VAL A 33 16.81 4.71 24.29
N GLU A 34 17.17 3.98 23.23
CA GLU A 34 16.90 4.51 21.89
C GLU A 34 15.84 3.66 21.23
N VAL A 35 14.86 4.32 20.60
CA VAL A 35 13.87 3.55 19.83
C VAL A 35 14.26 3.61 18.35
N LYS A 36 14.40 2.46 17.69
CA LYS A 36 14.77 2.36 16.27
C LYS A 36 13.48 2.05 15.54
N VAL A 37 12.92 2.98 14.78
CA VAL A 37 11.64 2.75 14.09
C VAL A 37 11.95 2.33 12.65
N THR A 38 11.21 1.36 12.17
CA THR A 38 11.19 0.99 10.75
C THR A 38 9.80 1.22 10.25
N VAL A 39 9.68 1.89 9.10
CA VAL A 39 8.35 2.13 8.48
C VAL A 39 8.11 1.10 7.40
N LEU A 40 7.08 0.30 7.62
CA LEU A 40 6.61 -0.71 6.69
C LEU A 40 5.61 -0.09 5.75
N ASP A 41 6.00 0.02 4.47
CA ASP A 41 5.12 0.54 3.40
C ASP A 41 3.86 -0.32 3.41
N TRP A 42 2.68 0.22 3.19
CA TRP A 42 1.43 -0.60 3.25
C TRP A 42 1.50 -1.74 2.20
N GLY A 43 2.25 -1.56 1.11
CA GLY A 43 2.45 -2.63 0.10
C GLY A 43 3.09 -3.89 0.65
N VAL A 44 3.89 -3.80 1.71
CA VAL A 44 4.75 -4.94 2.19
C VAL A 44 4.53 -5.21 3.68
N ALA A 45 3.67 -4.44 4.35
CA ALA A 45 3.57 -4.49 5.82
C ALA A 45 3.13 -5.88 6.27
N TRP A 46 2.06 -6.39 5.68
CA TRP A 46 1.53 -7.70 6.14
C TRP A 46 2.50 -8.87 5.87
N THR A 47 3.16 -8.92 4.70
CA THR A 47 4.12 -10.01 4.49
C THR A 47 5.30 -9.89 5.49
N LYS A 48 5.83 -8.67 5.76
CA LYS A 48 6.99 -8.55 6.69
C LYS A 48 6.58 -9.02 8.07
N ILE A 49 5.37 -8.64 8.48
CA ILE A 49 4.90 -9.03 9.85
C ILE A 49 4.76 -10.54 9.94
N THR A 50 4.18 -11.21 8.93
CA THR A 50 3.99 -12.65 8.90
CA THR A 50 3.99 -12.66 9.02
C THR A 50 5.35 -13.39 8.95
N THR A 51 6.32 -12.91 8.19
CA THR A 51 7.66 -13.51 8.21
C THR A 51 8.33 -13.37 9.58
N ALA A 52 8.19 -12.21 10.23
CA ALA A 52 8.70 -12.02 11.62
C ALA A 52 8.07 -13.11 12.48
N ALA A 53 6.77 -13.29 12.37
CA ALA A 53 6.01 -14.25 13.21
C ALA A 53 6.46 -15.68 12.96
N THR A 54 6.65 -16.08 11.70
CA THR A 54 7.05 -17.50 11.41
C THR A 54 8.53 -17.76 11.65
N SER A 55 9.40 -16.78 11.42
N SER A 55 9.38 -16.76 11.43
CA SER A 55 10.87 -16.93 11.56
CA SER A 55 10.85 -16.89 11.54
C SER A 55 11.34 -16.72 13.00
C SER A 55 11.35 -16.69 12.98
N GLY A 56 10.60 -15.95 13.79
CA GLY A 56 11.05 -15.59 15.14
C GLY A 56 12.19 -14.59 15.13
N VAL A 57 12.25 -13.82 14.04
CA VAL A 57 13.27 -12.77 13.78
C VAL A 57 12.47 -11.50 13.46
N GLY A 58 12.66 -10.44 14.20
CA GLY A 58 11.84 -9.25 13.92
C GLY A 58 12.02 -8.21 15.00
N PRO A 59 11.09 -7.25 15.12
CA PRO A 59 11.23 -6.16 16.03
C PRO A 59 10.84 -6.59 17.44
N ASP A 60 10.96 -5.67 18.39
CA ASP A 60 10.35 -5.85 19.72
C ASP A 60 8.85 -5.63 19.61
N LEU A 61 8.44 -4.46 19.13
CA LEU A 61 7.04 -4.09 18.93
C LEU A 61 6.70 -4.02 17.43
N THR A 62 5.47 -4.41 17.08
CA THR A 62 4.92 -4.08 15.76
C THR A 62 3.54 -3.48 15.90
N GLN A 63 3.29 -2.49 15.07
CA GLN A 63 1.91 -2.11 14.74
C GLN A 63 1.20 -3.28 14.08
N LEU A 64 -0.06 -3.46 14.44
CA LEU A 64 -0.97 -4.42 13.77
C LEU A 64 -2.30 -3.71 13.52
N GLY A 65 -2.82 -3.84 12.32
CA GLY A 65 -4.18 -3.44 12.12
C GLY A 65 -5.11 -4.21 13.03
N THR A 66 -6.18 -3.56 13.45
CA THR A 66 -7.12 -4.21 14.40
C THR A 66 -7.65 -5.54 13.85
N THR A 67 -7.85 -5.63 12.55
CA THR A 67 -8.40 -6.88 11.95
C THR A 67 -7.33 -7.94 11.83
N ALA A 68 -6.08 -7.66 12.11
CA ALA A 68 -4.96 -8.63 11.97
C ALA A 68 -4.62 -9.23 13.33
N VAL A 69 -5.14 -8.68 14.39
CA VAL A 69 -4.75 -9.12 15.75
C VAL A 69 -5.05 -10.60 15.90
N GLY A 70 -6.24 -11.03 15.50
CA GLY A 70 -6.64 -12.43 15.65
C GLY A 70 -5.65 -13.36 14.97
N ALA A 71 -5.30 -13.12 13.71
CA ALA A 71 -4.44 -14.01 12.93
C ALA A 71 -3.07 -14.12 13.60
N ILE A 72 -2.45 -12.97 13.97
CA ILE A 72 -1.06 -13.03 14.54
C ILE A 72 -1.14 -13.65 15.93
N SER A 73 -2.17 -13.32 16.69
CA SER A 73 -2.35 -13.88 18.06
C SER A 73 -2.49 -15.41 18.00
N ALA A 74 -3.20 -15.93 17.01
CA ALA A 74 -3.49 -17.35 16.88
C ALA A 74 -2.21 -18.10 16.57
N MET A 75 -1.18 -17.45 16.02
CA MET A 75 0.13 -18.08 15.75
C MET A 75 0.88 -18.34 17.06
N GLY A 76 0.48 -17.75 18.19
CA GLY A 76 1.12 -17.97 19.51
C GLY A 76 2.42 -17.23 19.64
N VAL A 77 2.61 -16.12 18.94
CA VAL A 77 3.89 -15.37 18.85
C VAL A 77 3.85 -14.05 19.60
N LEU A 78 2.74 -13.71 20.22
CA LEU A 78 2.62 -12.41 20.91
C LEU A 78 2.64 -12.59 22.42
N GLU A 79 3.35 -11.67 23.05
CA GLU A 79 3.46 -11.60 24.52
C GLU A 79 2.14 -11.12 25.08
N PRO A 80 1.66 -11.67 26.21
CA PRO A 80 0.47 -11.09 26.84
C PRO A 80 0.76 -9.67 27.33
N VAL A 81 -0.25 -8.82 27.21
CA VAL A 81 -0.17 -7.39 27.59
C VAL A 81 -1.31 -7.01 28.54
N ASP A 82 -1.90 -7.96 29.25
CA ASP A 82 -2.96 -7.66 30.25
C ASP A 82 -2.45 -6.63 31.26
N ASP A 83 -1.17 -6.71 31.65
CA ASP A 83 -0.58 -5.79 32.65
C ASP A 83 -0.56 -4.36 32.14
N VAL A 84 -0.23 -4.20 30.87
CA VAL A 84 -0.18 -2.85 30.27
C VAL A 84 -1.62 -2.31 30.22
N LEU A 85 -2.56 -3.09 29.75
CA LEU A 85 -3.95 -2.61 29.66
C LEU A 85 -4.46 -2.24 31.05
N GLU A 86 -4.14 -3.05 32.09
CA GLU A 86 -4.63 -2.73 33.44
C GLU A 86 -4.04 -1.41 33.90
N ALA A 87 -2.75 -1.16 33.61
CA ALA A 87 -2.03 0.10 33.95
C ALA A 87 -2.74 1.29 33.33
N LEU A 88 -3.29 1.12 32.14
CA LEU A 88 -3.96 2.20 31.38
C LEU A 88 -5.43 2.35 31.79
N GLY A 89 -5.93 1.50 32.67
CA GLY A 89 -7.30 1.61 33.21
C GLY A 89 -8.17 0.41 32.89
N GLY A 90 -7.65 -0.63 32.24
CA GLY A 90 -8.37 -1.87 31.99
C GLY A 90 -9.48 -1.75 30.98
N GLU A 91 -10.43 -2.67 31.04
CA GLU A 91 -11.52 -2.77 30.07
C GLU A 91 -12.29 -1.45 30.01
N LYS A 92 -12.53 -0.80 31.11
CA LYS A 92 -13.40 0.40 31.18
CA LYS A 92 -13.44 0.37 31.09
C LYS A 92 -12.73 1.61 30.53
N ALA A 93 -11.45 1.55 30.20
CA ALA A 93 -10.69 2.68 29.63
C ALA A 93 -10.94 2.76 28.12
N TYR A 94 -11.62 1.76 27.54
CA TYR A 94 -11.77 1.67 26.07
C TYR A 94 -13.24 1.53 25.67
N LEU A 95 -13.60 2.09 24.51
CA LEU A 95 -14.89 1.73 23.93
C LEU A 95 -14.91 0.20 23.80
N PRO A 96 -16.02 -0.47 24.10
CA PRO A 96 -16.08 -1.92 23.95
C PRO A 96 -15.67 -2.47 22.57
N ALA A 97 -16.01 -1.84 21.50
CA ALA A 97 -15.57 -2.22 20.14
C ALA A 97 -14.05 -2.27 20.05
N VAL A 98 -13.36 -1.30 20.69
CA VAL A 98 -11.86 -1.22 20.69
C VAL A 98 -11.31 -2.28 21.64
N TRP A 99 -11.96 -2.50 22.77
CA TRP A 99 -11.53 -3.55 23.71
C TRP A 99 -11.51 -4.90 23.01
N ARG A 100 -12.53 -5.19 22.20
CA ARG A 100 -12.60 -6.49 21.45
C ARG A 100 -11.35 -6.70 20.60
N THR A 101 -10.62 -5.67 20.19
CA THR A 101 -9.47 -5.83 19.27
C THR A 101 -8.18 -6.10 20.06
N THR A 102 -8.27 -6.26 21.38
CA THR A 102 -7.07 -6.50 22.20
C THR A 102 -6.67 -7.97 22.24
N ARG A 103 -7.49 -8.85 21.68
CA ARG A 103 -7.25 -10.31 21.84
C ARG A 103 -7.92 -11.09 20.74
N LEU A 104 -7.40 -12.25 20.44
CA LEU A 104 -8.14 -13.20 19.63
C LEU A 104 -9.49 -13.45 20.30
N GLU A 105 -10.56 -13.56 19.51
CA GLU A 105 -11.90 -13.85 20.07
C GLU A 105 -11.84 -15.17 20.85
N GLY A 106 -12.29 -15.11 22.09
CA GLY A 106 -12.35 -16.25 22.99
C GLY A 106 -11.11 -16.40 23.85
N ALA A 107 -10.03 -15.68 23.54
CA ALA A 107 -8.76 -15.82 24.28
C ALA A 107 -8.92 -15.26 25.69
N ARG A 108 -8.17 -15.83 26.64
CA ARG A 108 -8.15 -15.35 28.05
C ARG A 108 -7.31 -14.09 28.13
N GLN A 109 -6.16 -14.06 27.46
CA GLN A 109 -5.17 -12.97 27.66
C GLN A 109 -5.18 -12.02 26.46
N ALA A 110 -4.98 -10.78 26.75
CA ALA A 110 -4.78 -9.70 25.77
C ALA A 110 -3.42 -9.87 25.10
N THR A 111 -3.38 -9.61 23.80
CA THR A 111 -2.14 -9.65 23.01
C THR A 111 -1.91 -8.39 22.23
N ALA A 112 -2.77 -7.38 22.31
CA ALA A 112 -2.49 -6.11 21.62
C ALA A 112 -2.97 -4.93 22.45
N VAL A 113 -2.26 -3.82 22.33
CA VAL A 113 -2.58 -2.57 23.06
C VAL A 113 -3.15 -1.61 22.03
N PRO A 114 -4.37 -1.08 22.27
CA PRO A 114 -4.95 -0.15 21.31
C PRO A 114 -4.09 1.10 21.16
N TRP A 115 -3.88 1.52 19.92
CA TRP A 115 -3.02 2.66 19.60
C TRP A 115 -3.85 3.81 19.07
N PHE A 116 -4.50 3.68 17.94
CA PHE A 116 -5.39 4.75 17.46
C PHE A 116 -6.54 4.07 16.71
N SER A 117 -7.63 4.84 16.53
CA SER A 117 -8.89 4.35 15.97
C SER A 117 -9.18 5.11 14.69
N GLU A 118 -9.49 4.35 13.66
CA GLU A 118 -10.05 4.91 12.40
C GLU A 118 -11.57 4.79 12.55
N LEU A 119 -12.33 5.83 12.29
CA LEU A 119 -13.81 5.67 12.27
C LEU A 119 -14.28 6.50 11.08
N ARG A 120 -15.51 6.25 10.60
CA ARG A 120 -15.99 7.07 9.47
CA ARG A 120 -16.05 6.96 9.43
C ARG A 120 -17.31 7.71 9.84
N ALA A 121 -17.49 8.92 9.36
CA ALA A 121 -18.73 9.68 9.45
C ALA A 121 -18.99 10.34 8.13
N PHE A 122 -20.16 10.97 7.99
CA PHE A 122 -20.50 11.69 6.75
C PHE A 122 -20.07 13.12 6.82
N TYR A 123 -19.21 13.53 5.91
CA TYR A 123 -19.03 14.94 5.61
C TYR A 123 -20.13 15.39 4.69
N TYR A 124 -20.55 16.64 4.84
CA TYR A 124 -21.56 17.17 3.91
C TYR A 124 -21.29 18.67 3.71
N ARG A 125 -21.86 19.16 2.61
CA ARG A 125 -21.80 20.55 2.14
C ARG A 125 -22.94 21.28 2.85
N THR A 126 -22.61 22.11 3.82
CA THR A 126 -23.65 22.86 4.55
C THR A 126 -24.41 23.82 3.61
N ASP A 127 -23.74 24.38 2.63
CA ASP A 127 -24.37 25.27 1.60
C ASP A 127 -25.37 24.48 0.76
N ALA A 128 -25.01 23.30 0.30
CA ALA A 128 -25.86 22.45 -0.54
C ALA A 128 -27.07 21.98 0.26
N LEU A 129 -26.89 21.51 1.51
CA LEU A 129 -28.06 21.02 2.26
C LEU A 129 -28.99 22.20 2.54
N LYS A 130 -28.44 23.37 2.86
CA LYS A 130 -29.30 24.55 3.16
C LYS A 130 -30.09 24.89 1.89
N ALA A 131 -29.42 24.92 0.75
CA ALA A 131 -30.09 25.25 -0.55
C ALA A 131 -31.20 24.25 -0.83
N ALA A 132 -31.01 22.95 -0.54
CA ALA A 132 -31.95 21.87 -0.86
C ALA A 132 -33.08 21.82 0.15
N GLY A 133 -33.03 22.65 1.20
CA GLY A 133 -34.04 22.65 2.29
C GLY A 133 -33.94 21.36 3.09
N VAL A 134 -32.73 20.82 3.25
CA VAL A 134 -32.48 19.60 4.06
C VAL A 134 -31.75 20.01 5.34
N ASN A 135 -32.33 19.63 6.48
CA ASN A 135 -31.73 19.83 7.80
C ASN A 135 -30.92 18.59 8.16
N PRO A 136 -29.64 18.75 8.50
CA PRO A 136 -28.82 17.60 8.87
C PRO A 136 -29.40 16.75 10.00
N ALA A 137 -29.97 17.40 11.01
CA ALA A 137 -30.50 16.67 12.17
C ALA A 137 -31.50 15.60 11.72
N GLU A 138 -32.37 15.92 10.81
CA GLU A 138 -33.42 15.05 10.29
C GLU A 138 -32.82 14.10 9.24
N MET A 139 -31.90 14.58 8.41
CA MET A 139 -31.39 13.70 7.35
C MET A 139 -30.64 12.53 7.95
N PHE A 140 -29.94 12.74 9.05
CA PHE A 140 -29.05 11.71 9.66
C PHE A 140 -29.75 11.03 10.82
N ALA A 141 -31.05 11.28 11.05
CA ALA A 141 -31.78 10.64 12.18
C ALA A 141 -32.22 9.22 11.85
N SER A 142 -32.31 8.87 10.56
CA SER A 142 -32.92 7.61 10.13
C SER A 142 -32.54 7.35 8.67
N TRP A 143 -32.55 6.10 8.28
CA TRP A 143 -32.29 5.74 6.86
C TRP A 143 -33.32 6.41 5.98
N GLN A 144 -34.61 6.42 6.41
CA GLN A 144 -35.66 7.05 5.60
C GLN A 144 -35.33 8.53 5.42
N GLY A 145 -34.88 9.21 6.47
CA GLY A 145 -34.44 10.62 6.37
C GLY A 145 -33.29 10.77 5.42
N PHE A 146 -32.35 9.83 5.46
CA PHE A 146 -31.10 9.92 4.70
C PHE A 146 -31.46 9.84 3.21
N GLU A 147 -32.29 8.84 2.84
CA GLU A 147 -32.64 8.69 1.42
C GLU A 147 -33.49 9.88 1.00
N ALA A 148 -34.39 10.35 1.83
CA ALA A 148 -35.23 11.54 1.50
C ALA A 148 -34.34 12.78 1.31
N GLY A 149 -33.31 12.96 2.12
CA GLY A 149 -32.35 14.06 1.90
C GLY A 149 -31.61 13.94 0.58
N LEU A 150 -31.16 12.74 0.23
CA LEU A 150 -30.48 12.57 -1.09
C LEU A 150 -31.50 12.94 -2.19
N ALA A 151 -32.75 12.53 -2.07
CA ALA A 151 -33.77 12.86 -3.09
C ALA A 151 -33.86 14.38 -3.23
N ARG A 152 -33.86 15.10 -2.15
CA ARG A 152 -33.98 16.58 -2.18
C ARG A 152 -32.72 17.15 -2.81
N LEU A 153 -31.57 16.60 -2.45
CA LEU A 153 -30.31 17.08 -2.99
C LEU A 153 -30.28 16.83 -4.50
N LYS A 154 -30.80 15.70 -4.98
CA LYS A 154 -30.78 15.41 -6.44
C LYS A 154 -31.69 16.42 -7.16
N ALA A 155 -32.80 16.81 -6.54
CA ALA A 155 -33.81 17.73 -7.15
C ALA A 155 -33.34 19.17 -7.10
N SER A 156 -32.38 19.51 -6.26
CA SER A 156 -31.98 20.90 -5.96
C SER A 156 -31.39 21.57 -7.20
N SER A 157 -31.64 22.86 -7.35
CA SER A 157 -31.06 23.69 -8.44
C SER A 157 -29.65 24.18 -8.07
N PHE A 158 -29.21 23.93 -6.85
CA PHE A 158 -27.95 24.49 -6.32
C PHE A 158 -26.78 24.10 -7.22
N ARG A 159 -25.90 25.05 -7.53
CA ARG A 159 -24.64 24.79 -8.28
CA ARG A 159 -24.64 24.78 -8.28
C ARG A 159 -23.44 25.21 -7.41
N ASP A 160 -22.39 24.41 -7.44
CA ASP A 160 -21.15 24.79 -6.73
C ASP A 160 -20.65 26.11 -7.27
N PRO A 161 -20.25 27.06 -6.41
CA PRO A 161 -19.77 28.34 -6.95
C PRO A 161 -18.52 28.30 -7.82
N GLU A 162 -17.65 27.33 -7.66
CA GLU A 162 -16.41 27.18 -8.45
C GLU A 162 -16.64 26.28 -9.67
N THR A 163 -17.25 25.09 -9.50
CA THR A 163 -17.44 24.16 -10.66
C THR A 163 -18.55 24.68 -11.57
N LYS A 164 -19.52 25.42 -11.04
CA LYS A 164 -20.71 25.90 -11.75
C LYS A 164 -21.66 24.73 -12.09
N ALA A 165 -21.45 23.57 -11.46
CA ALA A 165 -22.31 22.39 -11.71
C ALA A 165 -23.03 21.95 -10.44
N PRO A 166 -24.21 21.31 -10.58
CA PRO A 166 -24.88 20.65 -9.47
C PRO A 166 -23.92 19.62 -8.86
N LEU A 167 -24.13 19.27 -7.61
CA LEU A 167 -23.29 18.32 -6.90
C LEU A 167 -23.97 16.96 -7.03
N ALA A 168 -23.17 15.91 -7.05
CA ALA A 168 -23.71 14.57 -6.80
C ALA A 168 -24.28 14.55 -5.40
N PRO A 169 -25.45 13.96 -5.16
CA PRO A 169 -25.94 13.81 -3.80
C PRO A 169 -24.97 13.08 -2.88
N LEU A 170 -24.53 11.90 -3.31
CA LEU A 170 -23.65 11.05 -2.46
C LEU A 170 -22.51 10.57 -3.32
N CYS A 171 -21.29 10.63 -2.84
CA CYS A 171 -20.17 9.92 -3.48
C CYS A 171 -19.74 8.81 -2.55
N THR A 172 -19.41 7.67 -3.13
CA THR A 172 -18.87 6.51 -2.40
C THR A 172 -18.09 5.68 -3.39
N PRO A 173 -17.01 5.06 -2.94
CA PRO A 173 -16.46 3.96 -3.72
C PRO A 173 -17.47 2.81 -3.79
N GLY A 174 -17.21 1.93 -4.77
CA GLY A 174 -17.80 0.58 -4.88
C GLY A 174 -16.75 -0.44 -4.54
N LYS A 175 -16.25 -1.15 -5.53
CA LYS A 175 -15.39 -2.31 -5.28
C LYS A 175 -13.91 -1.98 -5.40
N ASN A 176 -13.54 -0.82 -5.89
CA ASN A 176 -12.11 -0.52 -6.21
C ASN A 176 -11.51 0.31 -5.08
N SER A 177 -11.54 -0.23 -3.88
CA SER A 177 -11.03 0.50 -2.68
C SER A 177 -10.63 -0.49 -1.61
N TRP A 178 -9.71 -0.09 -0.74
CA TRP A 178 -9.22 -1.01 0.31
C TRP A 178 -10.33 -1.33 1.32
N ASP A 179 -11.39 -0.51 1.35
CA ASP A 179 -12.38 -0.47 2.46
C ASP A 179 -13.76 -0.88 1.99
N VAL A 180 -13.85 -1.72 0.96
CA VAL A 180 -15.15 -2.18 0.41
C VAL A 180 -16.02 -2.71 1.56
N LEU A 181 -15.54 -3.66 2.33
CA LEU A 181 -16.39 -4.22 3.44
C LEU A 181 -16.67 -3.16 4.48
N HIS A 182 -15.69 -2.31 4.83
CA HIS A 182 -15.86 -1.29 5.89
C HIS A 182 -16.96 -0.30 5.50
N ASN A 183 -17.03 0.04 4.20
CA ASN A 183 -18.04 0.98 3.71
C ASN A 183 -19.43 0.36 3.86
N ALA A 184 -19.52 -0.95 3.73
CA ALA A 184 -20.80 -1.70 3.80
C ALA A 184 -21.21 -1.98 5.25
N ALA A 185 -20.25 -2.18 6.14
CA ALA A 185 -20.50 -2.75 7.48
C ALA A 185 -21.53 -1.95 8.26
N PRO A 186 -21.53 -0.58 8.28
CA PRO A 186 -22.52 0.11 9.12
C PRO A 186 -23.97 -0.12 8.64
N TRP A 187 -24.12 -0.41 7.35
CA TRP A 187 -25.43 -0.66 6.74
C TRP A 187 -25.87 -2.07 7.10
N ILE A 188 -24.96 -3.05 6.97
CA ILE A 188 -25.23 -4.41 7.47
C ILE A 188 -25.68 -4.34 8.95
N TRP A 189 -24.89 -3.69 9.78
CA TRP A 189 -25.13 -3.66 11.23
C TRP A 189 -26.45 -2.91 11.55
N GLY A 190 -26.68 -1.79 10.90
CA GLY A 190 -27.84 -0.94 11.19
C GLY A 190 -29.13 -1.64 10.89
N ALA A 191 -29.14 -2.60 9.94
CA ALA A 191 -30.32 -3.40 9.64
C ALA A 191 -30.53 -4.52 10.61
N GLY A 192 -29.58 -4.80 11.52
CA GLY A 192 -29.61 -5.97 12.40
C GLY A 192 -28.81 -7.15 11.88
N GLY A 193 -28.02 -6.96 10.83
CA GLY A 193 -27.24 -8.08 10.30
C GLY A 193 -25.83 -8.16 10.88
N GLU A 194 -25.05 -9.03 10.25
CA GLU A 194 -23.63 -9.20 10.61
C GLU A 194 -22.93 -9.84 9.42
N ILE A 195 -21.63 -9.72 9.43
CA ILE A 195 -20.80 -10.42 8.42
C ILE A 195 -20.68 -11.89 8.84
N VAL A 196 -20.26 -12.16 10.06
CA VAL A 196 -20.26 -13.53 10.63
C VAL A 196 -20.90 -13.45 12.01
N ARG A 197 -21.49 -14.57 12.39
CA ARG A 197 -22.11 -14.70 13.71
C ARG A 197 -21.77 -16.01 14.32
N GLN A 198 -21.70 -15.96 15.65
CA GLN A 198 -21.35 -17.13 16.44
C GLN A 198 -22.66 -17.78 16.89
N ALA A 199 -22.82 -19.05 16.61
CA ALA A 199 -23.97 -19.80 17.12
C ALA A 199 -23.42 -21.15 17.59
N GLY A 200 -23.67 -21.47 18.86
CA GLY A 200 -23.17 -22.72 19.46
C GLY A 200 -21.66 -22.77 19.42
N GLY A 201 -21.00 -21.65 19.74
CA GLY A 201 -19.52 -21.58 19.81
C GLY A 201 -18.86 -21.64 18.45
N ARG A 202 -19.63 -21.56 17.35
CA ARG A 202 -19.17 -21.77 15.96
C ARG A 202 -19.50 -20.52 15.13
N TRP A 203 -18.51 -20.07 14.35
CA TRP A 203 -18.63 -18.86 13.49
C TRP A 203 -19.13 -19.28 12.11
N GLN A 204 -20.15 -18.58 11.62
CA GLN A 204 -20.69 -18.81 10.26
C GLN A 204 -21.02 -17.47 9.64
N SER A 205 -21.08 -17.46 8.33
CA SER A 205 -21.46 -16.24 7.59
C SER A 205 -22.89 -15.85 7.99
N ALA A 206 -23.17 -14.57 8.13
CA ALA A 206 -24.54 -13.99 8.22
C ALA A 206 -24.77 -13.00 7.08
N LEU A 207 -23.91 -13.00 6.04
CA LEU A 207 -24.08 -12.04 4.92
C LEU A 207 -25.36 -12.30 4.16
N ASN A 208 -25.84 -13.53 4.18
CA ASN A 208 -27.08 -13.90 3.45
C ASN A 208 -28.27 -13.92 4.38
N SER A 209 -28.17 -13.36 5.60
CA SER A 209 -29.34 -13.26 6.51
C SER A 209 -30.26 -12.20 5.95
N PRO A 210 -31.56 -12.28 6.27
CA PRO A 210 -32.48 -11.24 5.79
C PRO A 210 -32.02 -9.83 6.18
N GLU A 211 -31.54 -9.67 7.42
CA GLU A 211 -31.18 -8.31 7.87
C GLU A 211 -29.93 -7.83 7.13
N SER A 212 -28.93 -8.69 6.94
CA SER A 212 -27.73 -8.28 6.15
C SER A 212 -28.15 -7.87 4.74
N LEU A 213 -29.04 -8.65 4.12
CA LEU A 213 -29.45 -8.35 2.73
C LEU A 213 -30.19 -7.02 2.69
N GLU A 214 -31.01 -6.72 3.71
CA GLU A 214 -31.72 -5.42 3.79
CA GLU A 214 -31.72 -5.42 3.77
C GLU A 214 -30.72 -4.26 3.82
N GLY A 215 -29.72 -4.33 4.70
CA GLY A 215 -28.74 -3.24 4.81
C GLY A 215 -27.88 -3.10 3.58
N LEU A 216 -27.40 -4.22 3.08
CA LEU A 216 -26.56 -4.17 1.87
C LEU A 216 -27.33 -3.56 0.73
N TYR A 217 -28.57 -3.95 0.51
CA TYR A 217 -29.30 -3.46 -0.68
C TYR A 217 -29.63 -2.00 -0.47
N PHE A 218 -29.97 -1.58 0.77
CA PHE A 218 -30.27 -0.16 1.01
C PHE A 218 -29.09 0.68 0.50
N PHE A 219 -27.87 0.29 0.90
CA PHE A 219 -26.66 1.06 0.52
C PHE A 219 -26.36 0.94 -0.98
N LEU A 220 -26.24 -0.28 -1.49
CA LEU A 220 -25.85 -0.47 -2.92
C LEU A 220 -26.87 0.17 -3.87
N SER A 221 -28.12 0.13 -3.52
CA SER A 221 -29.18 0.62 -4.43
C SER A 221 -29.14 2.13 -4.54
N LEU A 222 -28.55 2.86 -3.59
CA LEU A 222 -28.48 4.34 -3.77
C LEU A 222 -27.85 4.70 -5.12
N ALA A 223 -26.84 3.96 -5.56
CA ALA A 223 -26.16 4.24 -6.85
C ALA A 223 -27.12 3.94 -8.02
N GLN A 224 -27.96 2.93 -7.88
CA GLN A 224 -28.91 2.63 -9.00
C GLN A 224 -30.07 3.58 -9.00
N LYS A 225 -30.31 4.35 -7.93
CA LYS A 225 -31.41 5.34 -7.87
C LYS A 225 -30.94 6.74 -8.32
N GLY A 226 -29.69 6.88 -8.77
CA GLY A 226 -29.20 8.14 -9.35
C GLY A 226 -28.48 9.02 -8.35
N TYR A 227 -28.35 8.56 -7.10
CA TYR A 227 -27.76 9.43 -6.03
C TYR A 227 -26.23 9.36 -6.05
N VAL A 228 -25.63 8.37 -6.68
CA VAL A 228 -24.15 8.18 -6.74
C VAL A 228 -23.78 8.13 -8.21
N PRO A 229 -22.82 8.95 -8.63
CA PRO A 229 -22.33 8.98 -10.01
C PRO A 229 -21.69 7.62 -10.36
N ALA A 230 -21.97 7.14 -11.56
CA ALA A 230 -21.31 5.94 -12.06
C ALA A 230 -19.78 6.07 -11.90
N GLU A 231 -19.15 7.24 -12.16
CA GLU A 231 -17.68 7.35 -12.16
CA GLU A 231 -17.67 7.37 -12.15
C GLU A 231 -17.15 7.12 -10.74
N SER A 232 -17.95 7.39 -9.72
CA SER A 232 -17.48 7.20 -8.33
C SER A 232 -17.14 5.74 -8.12
N LEU A 233 -17.91 4.88 -8.78
CA LEU A 233 -17.75 3.42 -8.53
C LEU A 233 -16.43 2.91 -9.11
N GLU A 234 -15.73 3.69 -9.93
CA GLU A 234 -14.41 3.31 -10.44
C GLU A 234 -13.33 3.64 -9.42
N LYS A 235 -13.62 4.43 -8.39
CA LYS A 235 -12.58 5.10 -7.60
C LYS A 235 -12.41 4.55 -6.19
N ASN A 236 -11.26 4.86 -5.57
CA ASN A 236 -11.03 4.53 -4.15
C ASN A 236 -11.37 5.72 -3.25
N THR A 237 -11.32 5.51 -1.95
CA THR A 237 -11.72 6.54 -0.98
C THR A 237 -10.90 7.81 -1.15
N ALA A 238 -9.60 7.68 -1.39
CA ALA A 238 -8.72 8.87 -1.54
C ALA A 238 -9.19 9.68 -2.75
N GLN A 239 -9.55 9.03 -3.85
CA GLN A 239 -10.03 9.75 -5.04
C GLN A 239 -11.38 10.42 -4.75
N ILE A 240 -12.26 9.75 -4.02
CA ILE A 240 -13.57 10.35 -3.72
C ILE A 240 -13.35 11.55 -2.79
N GLU A 241 -12.39 11.47 -1.87
CA GLU A 241 -12.04 12.64 -1.03
C GLU A 241 -11.67 13.83 -1.94
N ALA A 242 -10.89 13.58 -2.97
CA ALA A 242 -10.47 14.64 -3.91
C ALA A 242 -11.70 15.22 -4.62
N ASP A 243 -12.66 14.39 -5.00
CA ASP A 243 -13.88 14.90 -5.69
C ASP A 243 -14.71 15.77 -4.75
N PHE A 244 -14.79 15.40 -3.46
CA PHE A 244 -15.53 16.22 -2.48
C PHE A 244 -14.81 17.56 -2.32
N GLN A 245 -13.48 17.53 -2.24
CA GLN A 245 -12.67 18.77 -2.06
C GLN A 245 -12.88 19.65 -3.28
N ALA A 246 -13.04 19.06 -4.44
CA ALA A 246 -13.21 19.76 -5.71
C ALA A 246 -14.63 20.27 -5.91
N GLY A 247 -15.54 20.04 -4.98
CA GLY A 247 -16.90 20.62 -5.08
C GLY A 247 -17.88 19.80 -5.86
N LYS A 248 -17.59 18.49 -6.02
CA LYS A 248 -18.43 17.64 -6.89
C LYS A 248 -19.46 16.75 -6.18
N CYS A 249 -19.50 16.76 -4.87
CA CYS A 249 -20.21 15.78 -3.99
C CYS A 249 -20.85 16.56 -2.84
N ALA A 250 -22.11 16.31 -2.49
CA ALA A 250 -22.77 17.00 -1.34
C ALA A 250 -22.50 16.25 -0.06
N VAL A 251 -22.34 14.93 -0.16
CA VAL A 251 -22.25 14.05 1.03
C VAL A 251 -21.23 12.97 0.73
N PHE A 252 -20.32 12.68 1.63
CA PHE A 252 -19.49 11.48 1.47
C PHE A 252 -18.88 11.10 2.81
N ALA A 253 -18.61 9.81 2.98
CA ALA A 253 -18.04 9.33 4.26
C ALA A 253 -16.51 9.28 4.25
N SER A 254 -15.89 9.73 5.33
CA SER A 254 -14.43 9.52 5.49
C SER A 254 -14.09 9.62 6.97
N GLY A 255 -12.79 9.63 7.25
CA GLY A 255 -12.31 9.76 8.62
C GLY A 255 -12.05 11.21 9.03
N PRO A 256 -11.50 11.38 10.24
CA PRO A 256 -11.26 12.68 10.80
C PRO A 256 -10.12 13.47 10.21
N TRP A 257 -9.29 12.83 9.40
CA TRP A 257 -8.13 13.51 8.78
C TRP A 257 -8.55 14.61 7.80
N MET A 258 -9.74 14.55 7.24
CA MET A 258 -10.24 15.57 6.29
C MET A 258 -10.34 16.91 6.99
N ILE A 259 -10.59 16.92 8.28
CA ILE A 259 -10.76 18.19 9.04
C ILE A 259 -9.45 19.00 9.00
N GLN A 260 -8.32 18.34 9.22
CA GLN A 260 -6.97 18.97 9.12
C GLN A 260 -6.71 19.38 7.67
N ARG A 261 -7.06 18.53 6.71
CA ARG A 261 -6.84 18.91 5.30
C ARG A 261 -7.60 20.18 4.95
N ALA A 262 -8.79 20.41 5.51
CA ALA A 262 -9.65 21.59 5.23
C ALA A 262 -8.98 22.86 5.75
N GLN A 263 -8.02 22.77 6.66
CA GLN A 263 -7.31 23.94 7.25
C GLN A 263 -5.98 24.23 6.52
N VAL A 264 -5.59 23.45 5.55
CA VAL A 264 -4.24 23.44 4.90
C VAL A 264 -4.43 23.93 3.48
N PRO A 265 -3.63 24.90 2.98
CA PRO A 265 -3.79 25.38 1.60
C PRO A 265 -3.63 24.24 0.59
N GLU A 266 -4.28 24.37 -0.55
CA GLU A 266 -4.17 23.43 -1.67
C GLU A 266 -2.72 23.23 -2.08
N ALA A 267 -1.88 24.26 -1.96
CA ALA A 267 -0.48 24.17 -2.44
C ALA A 267 0.29 23.18 -1.57
N LYS A 268 -0.17 22.94 -0.34
CA LYS A 268 0.44 21.98 0.60
C LYS A 268 -0.38 20.67 0.72
N GLY A 269 -1.23 20.36 -0.27
CA GLY A 269 -2.03 19.11 -0.28
C GLY A 269 -3.39 19.27 0.40
N GLY A 270 -3.77 20.44 0.90
CA GLY A 270 -5.05 20.63 1.61
C GLY A 270 -6.16 21.09 0.67
N PHE A 271 -7.22 21.68 1.19
CA PHE A 271 -8.22 22.30 0.30
C PHE A 271 -8.82 23.56 0.93
N ALA A 272 -8.09 24.26 1.79
CA ALA A 272 -8.60 25.41 2.57
C ALA A 272 -9.27 26.46 1.68
N GLU A 273 -8.76 26.69 0.48
CA GLU A 273 -9.30 27.76 -0.40
C GLU A 273 -10.63 27.35 -1.03
N ARG A 274 -10.99 26.06 -1.00
CA ARG A 274 -12.11 25.56 -1.83
C ARG A 274 -13.43 25.82 -1.10
N THR A 275 -14.51 25.97 -1.85
CA THR A 275 -15.87 26.13 -1.29
C THR A 275 -16.13 25.04 -0.24
N ALA A 276 -15.72 23.81 -0.51
CA ALA A 276 -16.08 22.68 0.36
C ALA A 276 -15.46 22.88 1.75
N ALA A 277 -14.23 23.42 1.83
CA ALA A 277 -13.60 23.63 3.15
C ALA A 277 -14.37 24.70 3.99
N LYS A 278 -14.97 25.68 3.32
CA LYS A 278 -15.65 26.85 3.93
C LYS A 278 -17.10 26.51 4.21
N ASN A 279 -17.58 25.33 3.81
CA ASN A 279 -19.03 25.00 3.92
C ASN A 279 -19.08 23.53 4.34
N LEU A 280 -18.36 23.19 5.41
CA LEU A 280 -18.11 21.79 5.78
C LEU A 280 -18.89 21.43 7.06
N GLY A 281 -19.66 20.33 7.00
CA GLY A 281 -20.37 19.73 8.12
C GLY A 281 -19.98 18.26 8.24
N VAL A 282 -20.27 17.70 9.41
CA VAL A 282 -20.07 16.25 9.67
C VAL A 282 -21.32 15.76 10.40
N ALA A 283 -21.75 14.55 10.07
CA ALA A 283 -22.82 13.86 10.83
C ALA A 283 -22.40 12.40 10.94
N PRO A 284 -22.80 11.73 12.03
CA PRO A 284 -22.63 10.28 12.09
C PRO A 284 -23.49 9.56 11.04
N TYR A 285 -23.13 8.32 10.79
CA TYR A 285 -23.98 7.43 9.97
C TYR A 285 -25.38 7.48 10.53
N PRO A 286 -26.42 7.42 9.65
CA PRO A 286 -27.80 7.51 10.12
C PRO A 286 -28.18 6.25 10.88
N ALA A 287 -29.09 6.41 11.82
CA ALA A 287 -29.66 5.32 12.60
C ALA A 287 -30.49 4.42 11.71
N GLY A 288 -30.22 3.12 11.73
CA GLY A 288 -30.90 2.16 10.93
C GLY A 288 -32.03 1.47 11.68
N PRO A 289 -32.64 0.44 11.07
CA PRO A 289 -33.72 -0.31 11.67
C PRO A 289 -33.50 -0.83 13.09
N LYS A 290 -32.28 -1.30 13.38
CA LYS A 290 -31.98 -1.90 14.70
C LYS A 290 -31.08 -0.98 15.54
N GLY A 291 -30.46 0.02 14.97
CA GLY A 291 -29.42 0.70 15.74
C GLY A 291 -28.62 1.65 14.87
N ARG A 292 -27.82 2.49 15.55
CA ARG A 292 -26.86 3.37 14.86
C ARG A 292 -25.48 2.79 15.16
N TYR A 293 -24.69 2.55 14.12
CA TYR A 293 -23.33 1.98 14.23
C TYR A 293 -22.39 2.83 13.39
N THR A 294 -21.21 2.99 13.94
CA THR A 294 -20.05 3.57 13.30
C THR A 294 -18.93 2.55 13.12
N PHE A 295 -18.44 2.39 11.89
CA PHE A 295 -17.30 1.47 11.66
C PHE A 295 -16.07 2.00 12.43
N PHE A 296 -15.44 1.09 13.17
CA PHE A 296 -14.10 1.26 13.74
C PHE A 296 -13.14 0.26 13.15
N GLY A 297 -12.00 0.83 12.78
CA GLY A 297 -10.75 0.11 12.54
C GLY A 297 -9.60 0.83 13.25
N GLY A 298 -8.46 0.87 12.58
CA GLY A 298 -7.27 1.52 13.13
C GLY A 298 -6.22 0.49 13.46
N SER A 299 -5.34 0.81 14.42
CA SER A 299 -4.19 -0.06 14.70
C SER A 299 -3.95 -0.17 16.19
N ASN A 300 -3.35 -1.31 16.52
CA ASN A 300 -2.86 -1.59 17.88
C ASN A 300 -1.35 -1.83 17.80
N LEU A 301 -0.76 -2.05 18.96
CA LEU A 301 0.66 -2.41 19.07
C LEU A 301 0.76 -3.75 19.79
N ALA A 302 1.71 -4.55 19.38
CA ALA A 302 1.92 -5.91 19.90
C ALA A 302 3.41 -6.12 20.15
N LEU A 303 3.73 -6.97 21.13
CA LEU A 303 5.11 -7.33 21.50
C LEU A 303 5.35 -8.78 21.15
N PHE A 304 6.36 -9.03 20.31
CA PHE A 304 6.72 -10.41 19.95
C PHE A 304 7.35 -11.12 21.14
N ASN A 305 6.97 -12.38 21.32
CA ASN A 305 7.40 -13.11 22.54
C ASN A 305 8.83 -13.62 22.36
N PHE A 306 9.48 -13.36 21.22
CA PHE A 306 10.92 -13.62 21.08
C PHE A 306 11.76 -12.39 21.39
N SER A 307 11.13 -11.30 21.79
CA SER A 307 11.90 -10.09 22.17
C SER A 307 12.83 -10.38 23.34
N LYS A 308 14.04 -9.77 23.30
CA LYS A 308 14.97 -9.77 24.42
C LYS A 308 14.79 -8.56 25.32
N ASN A 309 13.79 -7.74 25.06
CA ASN A 309 13.67 -6.40 25.72
C ASN A 309 12.25 -6.19 26.27
N LYS A 310 11.61 -7.19 26.81
CA LYS A 310 10.14 -7.19 27.11
C LYS A 310 9.78 -6.12 28.13
N PRO A 311 10.50 -5.99 29.26
CA PRO A 311 10.13 -4.92 30.20
C PRO A 311 10.15 -3.51 29.59
N LEU A 312 11.22 -3.13 28.91
CA LEU A 312 11.29 -1.81 28.29
CA LEU A 312 11.27 -1.76 28.32
C LEU A 312 10.24 -1.66 27.19
N ALA A 313 10.01 -2.74 26.46
CA ALA A 313 8.97 -2.68 25.39
C ALA A 313 7.59 -2.42 26.01
N LYS A 314 7.29 -3.03 27.15
CA LYS A 314 5.98 -2.82 27.80
C LYS A 314 5.96 -1.41 28.35
N GLU A 315 7.09 -0.83 28.82
CA GLU A 315 7.09 0.60 29.22
CA GLU A 315 7.11 0.61 29.24
C GLU A 315 6.72 1.45 28.01
N LEU A 316 7.22 1.11 26.84
CA LEU A 316 6.91 1.92 25.63
C LEU A 316 5.43 1.71 25.28
N LEU A 317 4.88 0.52 25.40
CA LEU A 317 3.44 0.32 25.14
C LEU A 317 2.61 1.17 26.09
N LYS A 318 2.95 1.22 27.36
CA LYS A 318 2.24 2.08 28.34
CA LYS A 318 2.22 2.07 28.33
C LYS A 318 2.33 3.53 27.92
N TYR A 319 3.49 3.97 27.47
CA TYR A 319 3.65 5.38 27.07
C TYR A 319 2.78 5.65 25.84
N LEU A 320 2.88 4.78 24.83
CA LEU A 320 2.19 5.07 23.55
C LEU A 320 0.67 4.95 23.73
N GLY A 321 0.27 4.09 24.65
CA GLY A 321 -1.13 3.78 24.92
C GLY A 321 -1.77 4.84 25.82
N GLY A 322 -0.97 5.68 26.42
CA GLY A 322 -1.39 6.55 27.56
C GLY A 322 -1.74 7.96 27.18
N PRO A 323 -2.33 8.76 28.09
CA PRO A 323 -2.99 10.01 27.70
C PRO A 323 -2.26 11.03 26.81
N GLU A 324 -1.07 11.45 27.25
CA GLU A 324 -0.30 12.48 26.52
C GLU A 324 -0.01 11.97 25.10
N ALA A 325 0.57 10.75 24.99
CA ALA A 325 0.99 10.33 23.63
C ALA A 325 -0.23 10.03 22.76
N GLN A 326 -1.35 9.66 23.38
CA GLN A 326 -2.62 9.34 22.65
C GLN A 326 -3.13 10.59 21.95
N VAL A 327 -3.16 11.71 22.63
CA VAL A 327 -3.63 12.97 22.02
C VAL A 327 -2.65 13.39 20.90
N ARG A 328 -1.35 13.38 21.19
CA ARG A 328 -0.32 13.87 20.23
C ARG A 328 -0.41 13.03 18.96
N TYR A 329 -0.45 11.70 19.08
CA TYR A 329 -0.37 10.86 17.88
C TYR A 329 -1.69 10.86 17.10
N ALA A 330 -2.82 11.02 17.79
CA ALA A 330 -4.12 11.17 17.09
C ALA A 330 -4.05 12.44 16.22
N GLN A 331 -3.44 13.50 16.70
CA GLN A 331 -3.28 14.76 15.93
C GLN A 331 -2.37 14.50 14.72
N MET A 332 -1.24 13.82 14.92
CA MET A 332 -0.31 13.54 13.82
C MET A 332 -0.95 12.70 12.74
N THR A 333 -1.82 11.75 13.08
CA THR A 333 -2.37 10.77 12.14
C THR A 333 -3.72 11.22 11.58
N GLY A 334 -4.35 12.24 12.17
CA GLY A 334 -5.76 12.56 11.85
C GLY A 334 -6.74 11.47 12.24
N MET A 335 -6.39 10.72 13.26
CA MET A 335 -7.23 9.62 13.77
C MET A 335 -7.85 10.04 15.13
N LEU A 336 -8.58 9.13 15.72
CA LEU A 336 -9.06 9.38 17.10
CA LEU A 336 -9.13 9.28 17.08
C LEU A 336 -8.23 8.53 18.05
N PRO A 337 -7.97 9.03 19.27
CA PRO A 337 -7.28 8.22 20.26
C PRO A 337 -7.99 6.87 20.47
N ALA A 338 -7.22 5.82 20.69
CA ALA A 338 -7.81 4.57 21.17
C ALA A 338 -8.20 4.64 22.63
N LEU A 339 -7.54 5.45 23.43
CA LEU A 339 -7.81 5.58 24.86
C LEU A 339 -8.99 6.52 25.06
N ARG A 340 -10.10 6.02 25.53
CA ARG A 340 -11.36 6.80 25.45
C ARG A 340 -11.28 8.09 26.30
N SER A 341 -10.54 8.11 27.40
CA SER A 341 -10.45 9.34 28.23
C SER A 341 -9.90 10.51 27.40
N ALA A 342 -9.08 10.24 26.38
CA ALA A 342 -8.45 11.28 25.54
C ALA A 342 -9.53 11.98 24.68
N TRP A 343 -10.72 11.42 24.49
CA TRP A 343 -11.74 12.03 23.62
C TRP A 343 -12.21 13.34 24.23
N SER A 344 -12.03 13.50 25.56
CA SER A 344 -12.44 14.73 26.26
C SER A 344 -11.37 15.82 26.14
N ASP A 345 -10.24 15.56 25.51
CA ASP A 345 -9.16 16.58 25.36
C ASP A 345 -9.64 17.73 24.50
N PRO A 346 -9.27 18.98 24.84
CA PRO A 346 -9.68 20.15 24.04
C PRO A 346 -9.25 20.12 22.55
N SER A 347 -8.26 19.33 22.13
CA SER A 347 -7.91 19.21 20.70
C SER A 347 -9.10 18.65 19.92
N PHE A 348 -9.96 17.84 20.58
CA PHE A 348 -11.18 17.32 19.94
C PHE A 348 -12.32 18.27 20.22
N GLN A 349 -12.42 18.76 21.45
CA GLN A 349 -13.65 19.41 21.93
C GLN A 349 -13.71 20.83 21.35
N GLN A 350 -12.58 21.45 21.01
CA GLN A 350 -12.48 22.86 20.55
C GLN A 350 -12.85 22.94 19.08
N ASN A 351 -12.91 21.81 18.35
CA ASN A 351 -13.21 21.88 16.89
C ASN A 351 -14.60 21.26 16.68
N PRO A 352 -15.57 21.96 16.07
CA PRO A 352 -16.94 21.44 15.98
C PRO A 352 -17.01 20.10 15.19
N LEU A 353 -16.22 20.00 14.11
CA LEU A 353 -16.24 18.77 13.27
C LEU A 353 -15.65 17.61 14.09
N LEU A 354 -14.58 17.83 14.84
CA LEU A 354 -14.00 16.74 15.67
C LEU A 354 -14.99 16.38 16.78
N ARG A 355 -15.70 17.34 17.35
CA ARG A 355 -16.74 17.03 18.37
C ARG A 355 -17.77 16.08 17.77
N THR A 356 -18.16 16.30 16.51
CA THR A 356 -19.17 15.40 15.92
C THR A 356 -18.56 14.00 15.77
N PHE A 357 -17.29 13.91 15.35
CA PHE A 357 -16.64 12.57 15.31
C PHE A 357 -16.67 11.93 16.69
N ILE A 358 -16.47 12.68 17.74
CA ILE A 358 -16.55 12.06 19.10
C ILE A 358 -17.95 11.53 19.36
N GLN A 359 -18.98 12.25 18.96
CA GLN A 359 -20.39 11.79 19.02
CA GLN A 359 -20.38 11.77 19.06
C GLN A 359 -20.53 10.47 18.26
N ALA A 360 -20.00 10.42 17.03
CA ALA A 360 -20.09 9.25 16.16
C ALA A 360 -19.37 8.09 16.83
N ALA A 361 -18.29 8.39 17.56
CA ALA A 361 -17.41 7.33 18.13
C ALA A 361 -18.13 6.44 19.15
N GLN A 362 -19.09 7.00 19.87
CA GLN A 362 -19.78 6.22 20.93
C GLN A 362 -20.63 5.10 20.34
N PHE A 363 -20.91 5.18 19.04
CA PHE A 363 -21.68 4.13 18.29
C PHE A 363 -20.73 3.14 17.61
N GLY A 364 -19.46 3.18 17.97
CA GLY A 364 -18.49 2.34 17.26
C GLY A 364 -18.74 0.85 17.41
N ARG A 365 -18.37 0.13 16.36
CA ARG A 365 -18.52 -1.33 16.22
C ARG A 365 -17.41 -1.85 15.33
N THR A 366 -16.87 -3.02 15.70
CA THR A 366 -15.86 -3.62 14.81
CA THR A 366 -15.73 -3.69 15.04
C THR A 366 -16.15 -5.10 14.61
N TYR A 367 -15.41 -5.67 13.70
CA TYR A 367 -15.48 -7.09 13.39
C TYR A 367 -14.96 -7.89 14.55
N PRO A 368 -15.44 -9.13 14.71
CA PRO A 368 -14.85 -10.06 15.69
C PRO A 368 -13.41 -10.34 15.30
N SER A 369 -12.54 -10.54 16.33
CA SER A 369 -11.08 -10.69 16.18
C SER A 369 -10.79 -12.15 15.85
N LEU A 370 -11.17 -12.60 14.70
CA LEU A 370 -11.05 -14.05 14.34
C LEU A 370 -9.69 -14.27 13.70
N ALA A 371 -9.11 -15.45 13.98
CA ALA A 371 -7.87 -15.89 13.35
C ALA A 371 -7.99 -15.87 11.83
N GLY A 372 -9.16 -16.28 11.33
CA GLY A 372 -9.47 -16.46 9.92
C GLY A 372 -10.11 -15.23 9.31
N TRP A 373 -10.05 -14.06 9.99
CA TRP A 373 -10.75 -12.87 9.48
C TRP A 373 -10.35 -12.53 8.04
N GLY A 374 -9.05 -12.58 7.70
CA GLY A 374 -8.69 -12.09 6.35
C GLY A 374 -9.40 -12.89 5.26
N GLY A 375 -9.54 -14.21 5.41
CA GLY A 375 -10.27 -15.08 4.47
C GLY A 375 -11.73 -14.63 4.39
N VAL A 376 -12.34 -14.34 5.53
CA VAL A 376 -13.77 -13.92 5.61
C VAL A 376 -13.93 -12.62 4.81
N GLU A 377 -13.11 -11.65 5.12
CA GLU A 377 -13.20 -10.34 4.45
C GLU A 377 -12.92 -10.52 2.95
N ASN A 378 -11.87 -11.25 2.61
CA ASN A 378 -11.51 -11.46 1.19
C ASN A 378 -12.71 -12.04 0.43
N LEU A 379 -13.32 -13.11 0.94
CA LEU A 379 -14.45 -13.76 0.22
C LEU A 379 -15.66 -12.84 0.19
N ALA A 380 -15.92 -12.13 1.30
CA ALA A 380 -17.02 -11.13 1.33
C ALA A 380 -16.81 -10.09 0.24
N VAL A 381 -15.60 -9.58 0.11
CA VAL A 381 -15.34 -8.44 -0.79
C VAL A 381 -15.37 -8.91 -2.25
N GLN A 382 -14.97 -10.14 -2.53
CA GLN A 382 -15.05 -10.63 -3.93
C GLN A 382 -16.52 -10.58 -4.36
N HIS A 383 -17.38 -11.09 -3.51
CA HIS A 383 -18.84 -11.19 -3.84
C HIS A 383 -19.55 -9.83 -3.80
N LEU A 384 -19.19 -8.99 -2.83
CA LEU A 384 -19.69 -7.60 -2.83
C LEU A 384 -19.24 -6.87 -4.10
N GLY A 385 -18.04 -7.13 -4.57
CA GLY A 385 -17.60 -6.47 -5.81
C GLY A 385 -18.43 -6.89 -7.00
N MET A 386 -18.83 -8.15 -7.07
CA MET A 386 -19.74 -8.62 -8.13
C MET A 386 -21.08 -7.91 -8.01
N ALA A 387 -21.54 -7.67 -6.80
CA ALA A 387 -22.78 -6.88 -6.56
C ALA A 387 -22.60 -5.44 -7.08
N TRP A 388 -21.48 -4.79 -6.78
CA TRP A 388 -21.19 -3.41 -7.27
C TRP A 388 -21.16 -3.37 -8.81
N ASP A 389 -20.66 -4.42 -9.42
CA ASP A 389 -20.67 -4.49 -10.89
C ASP A 389 -22.09 -4.52 -11.41
N LEU A 390 -23.00 -5.19 -10.74
CA LEU A 390 -24.42 -5.19 -11.18
C LEU A 390 -24.98 -3.80 -10.98
N VAL A 391 -24.67 -3.12 -9.85
CA VAL A 391 -25.13 -1.75 -9.57
C VAL A 391 -24.74 -0.86 -10.75
N ALA A 392 -23.50 -0.95 -11.18
CA ALA A 392 -22.96 -0.10 -12.25
C ALA A 392 -23.82 -0.27 -13.51
N GLN A 393 -24.45 -1.43 -13.69
CA GLN A 393 -25.31 -1.69 -14.90
C GLN A 393 -26.80 -1.47 -14.59
N GLY A 394 -27.16 -1.11 -13.36
CA GLY A 394 -28.56 -1.00 -12.92
C GLY A 394 -29.25 -2.34 -12.85
N ARG A 395 -28.50 -3.44 -12.69
CA ARG A 395 -29.03 -4.81 -12.70
C ARG A 395 -28.92 -5.48 -11.33
N LEU A 396 -28.67 -4.73 -10.27
CA LEU A 396 -28.68 -5.37 -8.95
C LEU A 396 -30.15 -5.52 -8.52
N THR A 397 -30.66 -6.70 -8.60
CA THR A 397 -31.97 -7.04 -8.04
C THR A 397 -31.79 -7.57 -6.63
N ARG A 398 -32.89 -7.64 -5.87
CA ARG A 398 -32.84 -8.26 -4.54
C ARG A 398 -32.34 -9.70 -4.68
N GLU A 399 -32.91 -10.41 -5.67
CA GLU A 399 -32.62 -11.86 -5.84
C GLU A 399 -31.13 -12.00 -6.24
N ALA A 400 -30.58 -11.12 -7.02
CA ALA A 400 -29.19 -11.22 -7.50
C ALA A 400 -28.28 -11.00 -6.31
N LEU A 401 -28.61 -10.04 -5.47
CA LEU A 401 -27.79 -9.82 -4.25
C LEU A 401 -27.83 -11.06 -3.38
N LYS A 402 -29.02 -11.66 -3.17
CA LYS A 402 -29.08 -12.84 -2.31
C LYS A 402 -28.24 -13.99 -2.89
N ASP A 403 -28.27 -14.21 -4.21
CA ASP A 403 -27.47 -15.26 -4.89
C ASP A 403 -26.00 -14.99 -4.55
N LEU A 404 -25.56 -13.75 -4.63
CA LEU A 404 -24.14 -13.46 -4.46
C LEU A 404 -23.77 -13.66 -2.99
N MET A 405 -24.61 -13.25 -2.08
CA MET A 405 -24.28 -13.43 -0.65
C MET A 405 -24.42 -14.89 -0.25
N ASP A 406 -25.24 -15.69 -0.93
CA ASP A 406 -25.29 -17.14 -0.62
C ASP A 406 -23.97 -17.74 -1.07
N LYS A 407 -23.48 -17.37 -2.22
CA LYS A 407 -22.18 -17.88 -2.74
C LYS A 407 -21.07 -17.48 -1.77
N ALA A 408 -21.04 -16.18 -1.37
CA ALA A 408 -20.03 -15.71 -0.40
C ALA A 408 -20.13 -16.55 0.87
N SER A 409 -21.34 -16.78 1.36
CA SER A 409 -21.59 -17.50 2.64
C SER A 409 -21.11 -18.96 2.55
N ALA A 410 -21.36 -19.63 1.44
CA ALA A 410 -20.86 -20.99 1.26
C ALA A 410 -19.35 -20.99 1.37
N ALA A 411 -18.68 -20.06 0.69
CA ALA A 411 -17.20 -20.04 0.63
C ALA A 411 -16.68 -19.66 2.03
N ILE A 412 -17.29 -18.70 2.72
CA ILE A 412 -16.85 -18.27 4.06
C ILE A 412 -16.96 -19.44 5.02
N ASN A 413 -18.08 -20.16 4.98
CA ASN A 413 -18.31 -21.27 5.92
C ASN A 413 -17.27 -22.36 5.70
N GLN A 414 -16.94 -22.65 4.44
CA GLN A 414 -15.87 -23.64 4.13
C GLN A 414 -14.54 -23.15 4.73
N ALA A 415 -14.19 -21.89 4.53
CA ALA A 415 -12.93 -21.30 5.01
C ALA A 415 -12.87 -21.41 6.56
N LEU A 416 -13.98 -21.18 7.25
CA LEU A 416 -14.00 -21.14 8.75
C LEU A 416 -13.97 -22.57 9.30
N ARG A 417 -14.32 -23.60 8.53
CA ARG A 417 -14.26 -25.02 9.01
C ARG A 417 -12.81 -25.40 9.31
N LYS B 3 -20.11 -13.11 -22.90
CA LYS B 3 -19.14 -13.69 -21.99
C LYS B 3 -18.54 -12.52 -21.22
N THR B 4 -18.18 -12.75 -19.97
CA THR B 4 -17.42 -11.76 -19.17
C THR B 4 -16.17 -12.43 -18.62
N LEU B 5 -15.11 -11.66 -18.52
CA LEU B 5 -13.89 -12.08 -17.80
C LEU B 5 -13.76 -11.18 -16.59
N GLU B 6 -13.31 -11.75 -15.50
CA GLU B 6 -12.97 -10.97 -14.28
C GLU B 6 -11.45 -10.93 -14.20
N VAL B 7 -10.90 -9.73 -14.07
CA VAL B 7 -9.42 -9.49 -13.95
C VAL B 7 -9.14 -8.66 -12.72
N TRP B 8 -8.22 -9.12 -11.89
CA TRP B 8 -7.67 -8.31 -10.78
C TRP B 8 -6.39 -7.61 -11.17
N ILE B 9 -6.32 -6.30 -10.91
CA ILE B 9 -5.08 -5.54 -11.14
C ILE B 9 -4.70 -4.77 -9.89
N MET B 10 -3.46 -4.36 -9.80
CA MET B 10 -2.99 -3.43 -8.74
C MET B 10 -3.03 -2.02 -9.30
N PRO B 11 -2.80 -0.97 -8.46
CA PRO B 11 -2.96 0.38 -8.90
C PRO B 11 -1.75 0.85 -9.70
N ASN B 12 -1.72 0.54 -10.99
CA ASN B 12 -0.47 0.72 -11.76
C ASN B 12 -0.35 2.08 -12.44
N SER B 13 -1.43 2.79 -12.57
CA SER B 13 -1.49 4.06 -13.32
C SER B 13 -2.34 5.04 -12.53
N PRO B 14 -2.37 6.32 -12.98
CA PRO B 14 -3.08 7.36 -12.23
C PRO B 14 -4.57 7.12 -11.98
N GLN B 15 -5.27 6.50 -12.93
CA GLN B 15 -6.73 6.19 -12.78
C GLN B 15 -6.83 4.71 -13.08
N PRO B 16 -6.54 3.82 -12.10
CA PRO B 16 -6.24 2.44 -12.44
C PRO B 16 -7.35 1.73 -13.23
N ALA B 17 -8.59 1.79 -12.72
CA ALA B 17 -9.72 1.12 -13.40
C ALA B 17 -9.98 1.78 -14.75
N GLU B 18 -10.14 3.10 -14.79
CA GLU B 18 -10.50 3.79 -16.04
C GLU B 18 -9.42 3.50 -17.08
N ASP B 19 -8.16 3.59 -16.69
CA ASP B 19 -7.05 3.37 -17.65
C ASP B 19 -7.09 1.94 -18.20
N PHE B 20 -7.27 0.97 -17.33
CA PHE B 20 -7.32 -0.44 -17.77
C PHE B 20 -8.54 -0.65 -18.69
N LYS B 21 -9.70 -0.14 -18.34
CA LYS B 21 -10.90 -0.23 -19.25
C LYS B 21 -10.63 0.37 -20.62
N ALA B 22 -9.96 1.53 -20.68
CA ALA B 22 -9.58 2.16 -21.97
C ALA B 22 -8.63 1.23 -22.71
N LEU B 23 -7.71 0.60 -22.01
CA LEU B 23 -6.73 -0.35 -22.61
C LEU B 23 -7.43 -1.53 -23.25
N VAL B 24 -8.47 -2.12 -22.61
CA VAL B 24 -9.06 -3.40 -23.08
C VAL B 24 -10.28 -3.13 -23.96
N ALA B 25 -10.72 -1.90 -24.08
CA ALA B 25 -11.98 -1.63 -24.83
C ALA B 25 -11.91 -2.18 -26.26
N PRO B 26 -10.81 -2.02 -27.03
CA PRO B 26 -10.77 -2.58 -28.39
C PRO B 26 -10.90 -4.11 -28.43
N PHE B 27 -10.38 -4.79 -27.42
CA PHE B 27 -10.49 -6.26 -27.29
C PHE B 27 -11.96 -6.61 -26.98
N GLU B 28 -12.58 -5.88 -26.07
CA GLU B 28 -14.00 -6.12 -25.72
C GLU B 28 -14.85 -5.98 -26.98
N LYS B 29 -14.60 -4.95 -27.79
CA LYS B 29 -15.43 -4.71 -28.96
C LYS B 29 -15.13 -5.76 -30.04
N ALA B 30 -13.87 -6.10 -30.26
CA ALA B 30 -13.52 -7.03 -31.36
C ALA B 30 -14.05 -8.42 -31.01
N HIS B 31 -14.09 -8.79 -29.73
CA HIS B 31 -14.49 -10.15 -29.31
C HIS B 31 -15.92 -10.21 -28.82
N GLY B 32 -16.58 -9.10 -28.62
CA GLY B 32 -17.94 -9.02 -28.09
C GLY B 32 -18.00 -9.60 -26.69
N VAL B 33 -17.06 -9.21 -25.83
CA VAL B 33 -17.06 -9.63 -24.41
C VAL B 33 -16.94 -8.41 -23.51
N GLU B 34 -17.19 -8.60 -22.24
CA GLU B 34 -17.04 -7.53 -21.25
C GLU B 34 -15.99 -7.96 -20.23
N VAL B 35 -15.02 -7.11 -19.99
CA VAL B 35 -13.98 -7.40 -18.97
C VAL B 35 -14.36 -6.63 -17.73
N LYS B 36 -14.42 -7.27 -16.60
CA LYS B 36 -14.75 -6.61 -15.30
C LYS B 36 -13.43 -6.50 -14.58
N VAL B 37 -12.94 -5.30 -14.36
CA VAL B 37 -11.65 -5.15 -13.64
C VAL B 37 -11.93 -4.80 -12.18
N THR B 38 -11.17 -5.38 -11.28
CA THR B 38 -11.16 -5.01 -9.86
C THR B 38 -9.75 -4.53 -9.50
N VAL B 39 -9.67 -3.41 -8.79
CA VAL B 39 -8.35 -2.84 -8.43
C VAL B 39 -8.09 -3.21 -6.98
N LEU B 40 -7.03 -3.94 -6.75
CA LEU B 40 -6.54 -4.41 -5.43
CA LEU B 40 -6.56 -4.38 -5.40
C LEU B 40 -5.32 -3.57 -5.00
N ASP B 41 -5.23 -3.14 -3.77
CA ASP B 41 -3.96 -2.55 -3.25
C ASP B 41 -2.84 -3.60 -3.20
N TRP B 42 -1.60 -3.15 -3.38
CA TRP B 42 -0.45 -4.10 -3.32
C TRP B 42 -0.42 -4.80 -1.97
N GLY B 43 -0.83 -4.11 -0.91
CA GLY B 43 -0.68 -4.72 0.43
C GLY B 43 -1.59 -5.93 0.63
N VAL B 44 -2.72 -6.02 -0.09
CA VAL B 44 -3.69 -7.13 0.10
C VAL B 44 -3.68 -8.11 -1.07
N ALA B 45 -2.89 -7.85 -2.11
CA ALA B 45 -2.93 -8.66 -3.33
C ALA B 45 -2.54 -10.09 -2.97
N TRP B 46 -1.43 -10.28 -2.31
CA TRP B 46 -0.94 -11.62 -1.89
C TRP B 46 -2.06 -12.37 -1.15
N THR B 47 -2.74 -11.72 -0.21
CA THR B 47 -3.67 -12.43 0.70
C THR B 47 -4.94 -12.77 -0.12
N LYS B 48 -5.37 -11.85 -0.98
CA LYS B 48 -6.55 -12.09 -1.83
C LYS B 48 -6.21 -13.22 -2.80
N ILE B 49 -4.99 -13.25 -3.39
CA ILE B 49 -4.68 -14.34 -4.35
C ILE B 49 -4.57 -15.63 -3.58
N THR B 50 -3.96 -15.66 -2.37
CA THR B 50 -3.91 -16.93 -1.60
CA THR B 50 -3.92 -16.87 -1.53
C THR B 50 -5.31 -17.38 -1.22
N THR B 51 -6.23 -16.47 -0.85
CA THR B 51 -7.60 -16.85 -0.53
C THR B 51 -8.26 -17.46 -1.78
N ALA B 52 -8.07 -16.84 -2.94
CA ALA B 52 -8.63 -17.38 -4.20
C ALA B 52 -8.03 -18.78 -4.44
N ALA B 53 -6.74 -18.98 -4.19
CA ALA B 53 -6.07 -20.28 -4.42
C ALA B 53 -6.61 -21.36 -3.52
N THR B 54 -6.80 -21.08 -2.23
CA THR B 54 -7.23 -22.12 -1.27
C THR B 54 -8.73 -22.32 -1.34
N SER B 55 -9.51 -21.27 -1.65
CA SER B 55 -10.99 -21.37 -1.70
CA SER B 55 -11.00 -21.38 -1.71
C SER B 55 -11.46 -21.92 -3.05
N GLY B 56 -10.63 -21.80 -4.09
CA GLY B 56 -11.06 -22.27 -5.42
C GLY B 56 -12.06 -21.36 -6.05
N VAL B 57 -12.11 -20.11 -5.59
CA VAL B 57 -13.11 -19.06 -5.97
C VAL B 57 -12.29 -17.82 -6.24
N GLY B 58 -12.44 -17.18 -7.39
CA GLY B 58 -11.64 -16.00 -7.68
C GLY B 58 -11.93 -15.42 -9.04
N PRO B 59 -11.05 -14.60 -9.61
CA PRO B 59 -11.25 -14.05 -10.93
C PRO B 59 -10.79 -15.06 -12.00
N ASP B 60 -10.78 -14.63 -13.25
CA ASP B 60 -10.17 -15.43 -14.32
C ASP B 60 -8.68 -15.13 -14.32
N LEU B 61 -8.35 -13.86 -14.46
CA LEU B 61 -6.91 -13.42 -14.49
C LEU B 61 -6.60 -12.65 -13.21
N THR B 62 -5.33 -12.68 -12.83
CA THR B 62 -4.79 -11.73 -11.82
C THR B 62 -3.42 -11.21 -12.29
N GLN B 63 -3.21 -9.96 -12.03
CA GLN B 63 -1.84 -9.43 -12.01
C GLN B 63 -1.08 -10.07 -10.84
N LEU B 64 0.20 -10.33 -11.07
CA LEU B 64 1.16 -10.85 -10.06
C LEU B 64 2.44 -10.06 -10.18
N GLY B 65 2.99 -9.64 -9.07
CA GLY B 65 4.37 -9.16 -9.12
C GLY B 65 5.28 -10.22 -9.63
N THR B 66 6.32 -9.84 -10.38
CA THR B 66 7.30 -10.83 -10.87
C THR B 66 7.84 -11.67 -9.73
N THR B 67 8.06 -11.08 -8.58
CA THR B 67 8.68 -11.86 -7.48
C THR B 67 7.67 -12.75 -6.77
N ALA B 68 6.39 -12.69 -7.09
CA ALA B 68 5.32 -13.51 -6.50
C ALA B 68 4.98 -14.71 -7.38
N VAL B 69 5.52 -14.79 -8.60
CA VAL B 69 5.10 -15.85 -9.55
C VAL B 69 5.46 -17.19 -8.95
N GLY B 70 6.64 -17.31 -8.35
CA GLY B 70 7.06 -18.60 -7.80
C GLY B 70 6.05 -19.06 -6.76
N ALA B 71 5.74 -18.20 -5.79
CA ALA B 71 4.91 -18.56 -4.62
C ALA B 71 3.53 -19.02 -5.10
N ILE B 72 2.88 -18.25 -6.00
CA ILE B 72 1.52 -18.60 -6.42
C ILE B 72 1.59 -19.85 -7.30
N SER B 73 2.56 -19.93 -8.20
CA SER B 73 2.79 -21.15 -9.04
C SER B 73 2.92 -22.41 -8.19
N ALA B 74 3.65 -22.32 -7.10
CA ALA B 74 3.91 -23.52 -6.25
C ALA B 74 2.63 -23.96 -5.53
N MET B 75 1.62 -23.09 -5.45
CA MET B 75 0.29 -23.50 -4.87
C MET B 75 -0.48 -24.42 -5.84
N GLY B 76 -0.04 -24.57 -7.08
CA GLY B 76 -0.66 -25.44 -8.06
C GLY B 76 -1.98 -24.95 -8.61
N VAL B 77 -2.23 -23.65 -8.65
CA VAL B 77 -3.57 -23.11 -9.02
C VAL B 77 -3.47 -22.30 -10.32
N LEU B 78 -2.31 -22.25 -10.98
CA LEU B 78 -2.19 -21.49 -12.21
C LEU B 78 -2.21 -22.38 -13.45
N GLU B 79 -2.90 -21.88 -14.45
CA GLU B 79 -3.00 -22.54 -15.77
C GLU B 79 -1.69 -22.33 -16.49
N PRO B 80 -1.15 -23.38 -17.16
CA PRO B 80 -0.02 -23.18 -18.06
C PRO B 80 -0.37 -22.23 -19.19
N VAL B 81 0.56 -21.36 -19.50
CA VAL B 81 0.40 -20.31 -20.54
C VAL B 81 1.54 -20.35 -21.59
N ASP B 82 2.18 -21.50 -21.78
CA ASP B 82 3.23 -21.63 -22.82
C ASP B 82 2.72 -21.25 -24.20
N ASP B 83 1.50 -21.60 -24.52
CA ASP B 83 0.93 -21.31 -25.87
C ASP B 83 0.74 -19.82 -26.03
N VAL B 84 0.36 -19.13 -24.95
CA VAL B 84 0.24 -17.65 -25.00
C VAL B 84 1.63 -17.06 -25.32
N LEU B 85 2.64 -17.49 -24.61
CA LEU B 85 4.01 -16.94 -24.84
C LEU B 85 4.48 -17.23 -26.27
N GLU B 86 4.16 -18.35 -26.85
CA GLU B 86 4.54 -18.65 -28.24
C GLU B 86 3.82 -17.68 -29.16
N ALA B 87 2.54 -17.40 -28.87
CA ALA B 87 1.72 -16.44 -29.65
C ALA B 87 2.28 -15.03 -29.54
N LEU B 88 3.11 -14.74 -28.53
CA LEU B 88 3.76 -13.42 -28.33
C LEU B 88 5.16 -13.38 -28.97
N GLY B 89 5.62 -14.51 -29.45
CA GLY B 89 6.93 -14.68 -30.09
C GLY B 89 7.90 -15.59 -29.36
N GLY B 90 7.51 -16.18 -28.24
CA GLY B 90 8.35 -17.14 -27.52
C GLY B 90 9.47 -16.50 -26.75
N GLU B 91 10.46 -17.31 -26.40
CA GLU B 91 11.57 -16.87 -25.52
C GLU B 91 12.31 -15.69 -26.17
N LYS B 92 12.46 -15.69 -27.50
CA LYS B 92 13.20 -14.62 -28.21
C LYS B 92 12.53 -13.26 -28.10
N ALA B 93 11.26 -13.17 -27.67
CA ALA B 93 10.51 -11.91 -27.64
C ALA B 93 10.84 -11.10 -26.37
N TYR B 94 11.60 -11.67 -25.43
CA TYR B 94 11.76 -11.11 -24.09
C TYR B 94 13.26 -11.05 -23.72
N LEU B 95 13.61 -10.06 -22.92
CA LEU B 95 14.91 -10.08 -22.24
CA LEU B 95 14.88 -10.06 -22.16
C LEU B 95 14.95 -11.36 -21.38
N PRO B 96 16.10 -12.03 -21.28
CA PRO B 96 16.20 -13.22 -20.45
C PRO B 96 15.72 -13.06 -19.00
N ALA B 97 16.02 -11.92 -18.38
CA ALA B 97 15.63 -11.65 -16.98
C ALA B 97 14.10 -11.64 -16.90
N VAL B 98 13.41 -11.12 -17.92
CA VAL B 98 11.93 -11.12 -17.98
C VAL B 98 11.39 -12.53 -18.22
N TRP B 99 12.01 -13.26 -19.14
CA TRP B 99 11.62 -14.67 -19.34
C TRP B 99 11.72 -15.48 -18.07
N ARG B 100 12.72 -15.26 -17.22
CA ARG B 100 12.89 -16.01 -15.95
C ARG B 100 11.66 -15.81 -15.01
N THR B 101 10.90 -14.75 -15.18
CA THR B 101 9.73 -14.48 -14.29
C THR B 101 8.46 -15.16 -14.80
N THR B 102 8.53 -15.93 -15.88
CA THR B 102 7.34 -16.60 -16.43
C THR B 102 7.03 -17.92 -15.76
N ARG B 103 7.86 -18.39 -14.81
CA ARG B 103 7.60 -19.70 -14.21
C ARG B 103 8.40 -19.79 -12.92
N LEU B 104 7.98 -20.72 -12.10
CA LEU B 104 8.77 -21.11 -10.96
C LEU B 104 10.14 -21.54 -11.44
N GLU B 105 11.17 -21.25 -10.66
CA GLU B 105 12.56 -21.52 -11.06
C GLU B 105 12.74 -23.01 -11.37
N GLY B 106 13.26 -23.26 -12.57
CA GLY B 106 13.50 -24.58 -13.15
C GLY B 106 12.30 -25.23 -13.78
N ALA B 107 11.08 -24.70 -13.59
CA ALA B 107 9.83 -25.33 -14.07
C ALA B 107 9.80 -25.37 -15.61
N ARG B 108 9.22 -26.43 -16.13
CA ARG B 108 9.04 -26.62 -17.58
C ARG B 108 8.00 -25.67 -18.09
N GLN B 109 6.85 -25.60 -17.45
CA GLN B 109 5.71 -24.86 -18.03
C GLN B 109 5.62 -23.44 -17.46
N ALA B 110 5.39 -22.51 -18.34
CA ALA B 110 5.12 -21.10 -17.97
C ALA B 110 3.79 -21.02 -17.24
N THR B 111 3.76 -20.21 -16.19
CA THR B 111 2.51 -19.93 -15.43
C THR B 111 2.28 -18.43 -15.35
N ALA B 112 3.05 -17.58 -15.99
CA ALA B 112 2.73 -16.15 -16.01
C ALA B 112 3.17 -15.50 -17.30
N VAL B 113 2.41 -14.51 -17.73
CA VAL B 113 2.71 -13.75 -18.96
C VAL B 113 3.30 -12.41 -18.58
N PRO B 114 4.45 -12.00 -19.13
CA PRO B 114 4.98 -10.67 -18.79
C PRO B 114 4.07 -9.55 -19.23
N TRP B 115 3.85 -8.59 -18.36
CA TRP B 115 2.97 -7.46 -18.64
C TRP B 115 3.76 -6.16 -18.75
N PHE B 116 4.49 -5.79 -17.72
CA PHE B 116 5.33 -4.59 -17.79
C PHE B 116 6.51 -4.75 -16.86
N SER B 117 7.57 -4.02 -17.18
CA SER B 117 8.85 -4.11 -16.46
C SER B 117 9.12 -2.83 -15.68
N GLU B 118 9.43 -2.97 -14.41
CA GLU B 118 10.06 -1.88 -13.65
C GLU B 118 11.56 -2.10 -13.72
N LEU B 119 12.31 -1.10 -14.09
CA LEU B 119 13.78 -1.21 -13.99
C LEU B 119 14.28 0.10 -13.43
N ARG B 120 15.46 0.10 -12.84
CA ARG B 120 16.01 1.30 -12.17
CA ARG B 120 15.95 1.39 -12.25
C ARG B 120 17.24 1.78 -12.92
N ALA B 121 17.37 3.06 -13.13
CA ALA B 121 18.61 3.70 -13.58
C ALA B 121 18.80 4.96 -12.77
N PHE B 122 19.96 5.60 -12.97
CA PHE B 122 20.25 6.84 -12.21
C PHE B 122 19.79 8.06 -12.99
N TYR B 123 18.92 8.85 -12.40
CA TYR B 123 18.68 10.23 -12.82
C TYR B 123 19.77 11.10 -12.20
N TYR B 124 20.16 12.12 -12.96
CA TYR B 124 21.13 13.08 -12.43
C TYR B 124 20.79 14.46 -13.01
N ARG B 125 21.26 15.45 -12.31
CA ARG B 125 21.13 16.90 -12.61
C ARG B 125 22.24 17.26 -13.58
N THR B 126 21.89 17.51 -14.83
CA THR B 126 22.92 17.80 -15.85
C THR B 126 23.67 19.08 -15.48
N ASP B 127 22.96 20.06 -14.95
CA ASP B 127 23.51 21.38 -14.57
C ASP B 127 24.49 21.18 -13.38
N ALA B 128 24.12 20.39 -12.39
CA ALA B 128 24.99 20.14 -11.23
C ALA B 128 26.26 19.41 -11.65
N LEU B 129 26.14 18.36 -12.45
CA LEU B 129 27.35 17.62 -12.82
C LEU B 129 28.24 18.52 -13.67
N LYS B 130 27.67 19.28 -14.60
CA LYS B 130 28.46 20.20 -15.45
C LYS B 130 29.20 21.18 -14.57
N ALA B 131 28.49 21.81 -13.61
CA ALA B 131 29.10 22.80 -12.72
C ALA B 131 30.23 22.15 -11.92
N ALA B 132 30.07 20.93 -11.46
CA ALA B 132 31.07 20.22 -10.64
C ALA B 132 32.28 19.73 -11.47
N GLY B 133 32.20 19.78 -12.80
CA GLY B 133 33.19 19.23 -13.71
C GLY B 133 33.20 17.73 -13.68
N VAL B 134 32.05 17.11 -13.47
CA VAL B 134 31.93 15.65 -13.51
C VAL B 134 31.45 15.22 -14.89
N ASN B 135 32.20 14.34 -15.55
CA ASN B 135 31.75 13.70 -16.81
C ASN B 135 30.71 12.63 -16.48
N PRO B 136 29.41 12.81 -16.83
CA PRO B 136 28.41 11.85 -16.36
C PRO B 136 28.62 10.40 -16.84
N ALA B 137 28.95 10.20 -18.10
CA ALA B 137 28.97 8.79 -18.62
C ALA B 137 30.14 8.08 -17.98
N GLU B 138 31.20 8.78 -17.67
CA GLU B 138 32.31 8.20 -16.90
C GLU B 138 31.93 7.97 -15.43
N MET B 139 31.28 8.93 -14.81
CA MET B 139 30.86 8.74 -13.40
C MET B 139 30.04 7.46 -13.26
N PHE B 140 29.11 7.21 -14.19
CA PHE B 140 28.11 6.11 -14.08
C PHE B 140 28.66 4.83 -14.73
N ALA B 141 29.89 4.77 -15.16
CA ALA B 141 30.42 3.57 -15.85
C ALA B 141 31.04 2.58 -14.87
N SER B 142 31.55 3.03 -13.71
CA SER B 142 32.33 2.15 -12.83
C SER B 142 32.13 2.58 -11.38
N TRP B 143 32.32 1.66 -10.45
CA TRP B 143 32.19 1.99 -8.99
C TRP B 143 33.15 3.15 -8.66
N GLN B 144 34.40 3.06 -9.10
CA GLN B 144 35.43 4.08 -8.78
C GLN B 144 34.97 5.44 -9.31
N GLY B 145 34.51 5.47 -10.53
CA GLY B 145 33.99 6.70 -11.14
C GLY B 145 32.87 7.25 -10.32
N PHE B 146 31.97 6.37 -9.90
CA PHE B 146 30.73 6.74 -9.20
C PHE B 146 31.10 7.41 -7.88
N GLU B 147 31.93 6.73 -7.06
CA GLU B 147 32.29 7.29 -5.75
C GLU B 147 33.08 8.59 -5.98
N ALA B 148 33.96 8.67 -6.98
CA ALA B 148 34.77 9.90 -7.18
C ALA B 148 33.85 11.05 -7.58
N GLY B 149 32.86 10.77 -8.41
CA GLY B 149 31.85 11.78 -8.79
C GLY B 149 31.10 12.28 -7.57
N LEU B 150 30.65 11.35 -6.69
CA LEU B 150 29.93 11.81 -5.48
C LEU B 150 30.87 12.69 -4.60
N ALA B 151 32.14 12.32 -4.47
CA ALA B 151 33.11 13.13 -3.70
C ALA B 151 33.18 14.56 -4.27
N ARG B 152 33.25 14.67 -5.57
CA ARG B 152 33.33 15.98 -6.25
C ARG B 152 32.01 16.72 -6.06
N LEU B 153 30.90 16.02 -6.20
CA LEU B 153 29.58 16.66 -5.95
C LEU B 153 29.44 17.16 -4.52
N LYS B 154 30.00 16.51 -3.52
CA LYS B 154 29.89 16.93 -2.11
C LYS B 154 30.63 18.28 -1.94
N ALA B 155 31.76 18.39 -2.61
CA ALA B 155 32.65 19.58 -2.48
C ALA B 155 32.10 20.73 -3.34
N SER B 156 31.32 20.45 -4.39
CA SER B 156 30.91 21.49 -5.35
C SER B 156 30.20 22.67 -4.65
N SER B 157 30.53 23.88 -5.10
CA SER B 157 29.89 25.11 -4.60
C SER B 157 28.59 25.37 -5.37
N PHE B 158 28.23 24.56 -6.36
CA PHE B 158 27.00 24.84 -7.15
C PHE B 158 25.78 24.92 -6.22
N ARG B 159 24.91 25.91 -6.42
CA ARG B 159 23.64 26.00 -5.68
C ARG B 159 22.47 25.79 -6.62
N ASP B 160 21.51 24.97 -6.20
CA ASP B 160 20.26 24.83 -6.95
C ASP B 160 19.61 26.20 -7.07
N PRO B 161 19.12 26.58 -8.25
CA PRO B 161 18.47 27.88 -8.40
C PRO B 161 17.18 28.04 -7.57
N GLU B 162 16.46 27.00 -7.21
CA GLU B 162 15.22 27.15 -6.39
C GLU B 162 15.55 27.08 -4.89
N THR B 163 16.36 26.13 -4.47
CA THR B 163 16.64 25.98 -3.02
C THR B 163 17.65 27.04 -2.56
N LYS B 164 18.47 27.55 -3.47
CA LYS B 164 19.62 28.42 -3.15
C LYS B 164 20.64 27.69 -2.29
N ALA B 165 20.60 26.38 -2.27
CA ALA B 165 21.48 25.52 -1.46
C ALA B 165 22.20 24.52 -2.37
N PRO B 166 23.40 24.03 -1.96
CA PRO B 166 24.03 22.92 -2.62
C PRO B 166 23.10 21.71 -2.61
N LEU B 167 23.31 20.81 -3.53
CA LEU B 167 22.52 19.59 -3.66
C LEU B 167 23.26 18.51 -2.89
N ALA B 168 22.52 17.57 -2.32
CA ALA B 168 23.13 16.36 -1.79
C ALA B 168 23.65 15.60 -2.99
N PRO B 169 24.83 14.95 -2.92
CA PRO B 169 25.31 14.18 -4.04
C PRO B 169 24.36 13.05 -4.45
N LEU B 170 23.92 12.23 -3.49
CA LEU B 170 23.10 11.04 -3.81
C LEU B 170 21.95 11.03 -2.80
N CYS B 171 20.74 10.83 -3.28
CA CYS B 171 19.61 10.52 -2.40
C CYS B 171 19.22 9.09 -2.65
N THR B 172 19.10 8.31 -1.58
CA THR B 172 18.64 6.91 -1.65
C THR B 172 17.83 6.66 -0.39
N PRO B 173 16.76 5.85 -0.42
CA PRO B 173 16.25 5.27 0.80
C PRO B 173 17.29 4.35 1.44
N GLY B 174 17.11 4.13 2.72
CA GLY B 174 17.76 3.05 3.48
C GLY B 174 16.73 1.96 3.72
N LYS B 175 16.23 1.85 4.94
CA LYS B 175 15.35 0.73 5.31
C LYS B 175 13.86 1.04 5.22
N ASN B 176 13.45 2.29 5.10
CA ASN B 176 12.02 2.68 5.20
C ASN B 176 11.42 2.78 3.84
N SER B 177 11.42 1.70 3.10
CA SER B 177 10.94 1.72 1.70
C SER B 177 10.50 0.31 1.32
N TRP B 178 9.67 0.19 0.30
CA TRP B 178 9.22 -1.15 -0.15
C TRP B 178 10.34 -1.90 -0.85
N ASP B 179 11.40 -1.22 -1.31
CA ASP B 179 12.31 -1.71 -2.34
C ASP B 179 13.74 -1.80 -1.76
N VAL B 180 13.88 -1.93 -0.45
CA VAL B 180 15.20 -2.01 0.21
C VAL B 180 16.09 -3.08 -0.46
N LEU B 181 15.60 -4.28 -0.73
CA LEU B 181 16.46 -5.33 -1.35
C LEU B 181 16.76 -4.88 -2.80
N HIS B 182 15.77 -4.35 -3.50
CA HIS B 182 15.96 -3.99 -4.92
C HIS B 182 17.02 -2.89 -5.05
N ASN B 183 17.06 -1.97 -4.09
CA ASN B 183 18.04 -0.86 -4.14
C ASN B 183 19.45 -1.43 -3.93
N ALA B 184 19.60 -2.51 -3.15
CA ALA B 184 20.92 -3.14 -2.86
C ALA B 184 21.35 -4.11 -3.95
N ALA B 185 20.39 -4.71 -4.64
CA ALA B 185 20.68 -5.84 -5.55
C ALA B 185 21.73 -5.51 -6.62
N PRO B 186 21.69 -4.36 -7.32
CA PRO B 186 22.71 -4.11 -8.34
C PRO B 186 24.13 -4.11 -7.80
N TRP B 187 24.23 -3.67 -6.55
CA TRP B 187 25.54 -3.58 -5.86
C TRP B 187 26.01 -4.99 -5.48
N ILE B 188 25.13 -5.81 -4.94
CA ILE B 188 25.47 -7.23 -4.66
C ILE B 188 25.93 -7.86 -5.97
N TRP B 189 25.13 -7.70 -7.02
CA TRP B 189 25.40 -8.38 -8.32
C TRP B 189 26.68 -7.84 -8.96
N GLY B 190 26.92 -6.51 -8.94
CA GLY B 190 28.11 -5.93 -9.54
C GLY B 190 29.40 -6.41 -8.86
N ALA B 191 29.33 -6.81 -7.59
CA ALA B 191 30.51 -7.34 -6.90
C ALA B 191 30.68 -8.83 -7.18
N GLY B 192 29.77 -9.46 -7.91
CA GLY B 192 29.80 -10.91 -8.17
C GLY B 192 29.04 -11.71 -7.15
N GLY B 193 28.26 -11.07 -6.28
CA GLY B 193 27.48 -11.77 -5.28
C GLY B 193 26.08 -12.16 -5.77
N GLU B 194 25.31 -12.71 -4.82
CA GLU B 194 23.93 -13.04 -5.06
C GLU B 194 23.20 -13.00 -3.73
N ILE B 195 21.89 -12.98 -3.83
CA ILE B 195 21.06 -13.03 -2.63
C ILE B 195 20.95 -14.50 -2.18
N VAL B 196 20.54 -15.38 -3.11
CA VAL B 196 20.56 -16.84 -2.85
C VAL B 196 21.19 -17.55 -4.04
N ARG B 197 21.59 -18.78 -3.82
CA ARG B 197 22.27 -19.63 -4.81
C ARG B 197 21.85 -21.06 -4.58
N GLN B 198 21.73 -21.82 -5.66
CA GLN B 198 21.25 -23.22 -5.59
C GLN B 198 22.41 -24.23 -5.66
N ALA B 199 23.63 -23.81 -5.83
CA ALA B 199 24.75 -24.77 -6.00
C ALA B 199 24.77 -25.76 -4.82
N GLY B 200 25.01 -27.05 -5.07
CA GLY B 200 25.01 -28.13 -4.07
C GLY B 200 23.63 -28.77 -3.90
N GLY B 201 22.62 -28.30 -4.64
CA GLY B 201 21.31 -28.97 -4.70
C GLY B 201 20.22 -28.33 -3.87
N ARG B 202 20.51 -27.29 -3.10
CA ARG B 202 19.54 -26.66 -2.18
C ARG B 202 19.75 -25.15 -2.28
N TRP B 203 18.65 -24.41 -2.33
CA TRP B 203 18.75 -22.92 -2.26
C TRP B 203 19.30 -22.50 -0.90
N GLN B 204 20.26 -21.61 -0.90
CA GLN B 204 20.77 -21.03 0.34
C GLN B 204 21.26 -19.61 0.12
N SER B 205 21.28 -18.87 1.22
CA SER B 205 21.74 -17.48 1.19
C SER B 205 23.16 -17.38 0.67
N ALA B 206 23.44 -16.33 -0.10
CA ALA B 206 24.80 -15.94 -0.50
C ALA B 206 25.07 -14.50 -0.05
N LEU B 207 24.23 -13.94 0.84
CA LEU B 207 24.41 -12.55 1.31
C LEU B 207 25.68 -12.40 2.13
N ASN B 208 26.18 -13.47 2.70
CA ASN B 208 27.41 -13.42 3.52
C ASN B 208 28.63 -13.89 2.74
N SER B 209 28.53 -14.04 1.44
CA SER B 209 29.73 -14.31 0.59
C SER B 209 30.64 -13.08 0.58
N PRO B 210 31.96 -13.28 0.41
CA PRO B 210 32.84 -12.13 0.28
C PRO B 210 32.38 -11.14 -0.80
N GLU B 211 31.92 -11.64 -1.92
CA GLU B 211 31.48 -10.79 -3.06
C GLU B 211 30.24 -9.97 -2.65
N SER B 212 29.21 -10.59 -2.09
CA SER B 212 28.01 -9.87 -1.66
C SER B 212 28.40 -8.80 -0.65
N LEU B 213 29.26 -9.17 0.31
CA LEU B 213 29.67 -8.25 1.35
C LEU B 213 30.44 -7.08 0.75
N GLU B 214 31.28 -7.30 -0.28
CA GLU B 214 32.01 -6.19 -0.91
C GLU B 214 31.01 -5.18 -1.53
N GLY B 215 30.02 -5.67 -2.25
CA GLY B 215 28.97 -4.86 -2.90
C GLY B 215 28.16 -4.10 -1.90
N LEU B 216 27.71 -4.80 -0.85
CA LEU B 216 26.83 -4.16 0.14
C LEU B 216 27.63 -3.07 0.82
N TYR B 217 28.89 -3.33 1.23
CA TYR B 217 29.66 -2.31 1.95
C TYR B 217 29.92 -1.12 1.01
N PHE B 218 30.18 -1.37 -0.24
CA PHE B 218 30.47 -0.27 -1.19
C PHE B 218 29.28 0.69 -1.18
N PHE B 219 28.07 0.16 -1.34
CA PHE B 219 26.85 1.00 -1.45
C PHE B 219 26.56 1.66 -0.11
N LEU B 220 26.42 0.88 0.95
CA LEU B 220 25.94 1.42 2.26
C LEU B 220 26.97 2.42 2.80
N SER B 221 28.25 2.21 2.55
CA SER B 221 29.28 3.13 3.11
C SER B 221 29.13 4.50 2.47
N LEU B 222 28.59 4.63 1.25
CA LEU B 222 28.53 5.97 0.65
C LEU B 222 27.69 6.88 1.57
N ALA B 223 26.69 6.37 2.23
CA ALA B 223 25.84 7.17 3.12
C ALA B 223 26.58 7.51 4.40
N GLN B 224 27.60 6.75 4.82
CA GLN B 224 28.34 7.01 6.06
C GLN B 224 29.46 8.00 5.72
N LYS B 225 29.82 8.11 4.46
CA LYS B 225 30.91 8.97 3.97
C LYS B 225 30.48 10.41 3.71
N GLY B 226 29.19 10.71 3.87
CA GLY B 226 28.66 12.08 3.78
C GLY B 226 28.02 12.34 2.43
N TYR B 227 27.83 11.33 1.60
CA TYR B 227 27.28 11.52 0.24
C TYR B 227 25.74 11.48 0.19
N VAL B 228 25.09 11.05 1.27
CA VAL B 228 23.61 10.83 1.30
C VAL B 228 23.13 11.58 2.51
N PRO B 229 22.12 12.46 2.40
CA PRO B 229 21.57 13.12 3.59
C PRO B 229 21.04 12.12 4.60
N ALA B 230 21.22 12.48 5.86
CA ALA B 230 20.59 11.72 6.95
C ALA B 230 19.08 11.59 6.72
N GLU B 231 18.43 12.64 6.26
CA GLU B 231 16.95 12.65 6.12
C GLU B 231 16.54 11.60 5.09
N SER B 232 17.37 11.32 4.10
CA SER B 232 17.03 10.38 3.01
C SER B 232 16.80 9.03 3.66
N LEU B 233 17.56 8.71 4.69
CA LEU B 233 17.48 7.34 5.26
C LEU B 233 16.15 7.14 5.99
N GLU B 234 15.38 8.17 6.24
CA GLU B 234 14.08 8.07 6.93
C GLU B 234 12.98 7.91 5.91
N LYS B 235 13.29 8.00 4.60
CA LYS B 235 12.21 8.22 3.59
C LYS B 235 12.10 7.04 2.65
N ASN B 236 10.96 6.95 1.95
CA ASN B 236 10.75 5.91 0.93
C ASN B 236 11.12 6.48 -0.46
N THR B 237 11.06 5.62 -1.47
CA THR B 237 11.44 6.04 -2.82
C THR B 237 10.57 7.17 -3.35
N ALA B 238 9.28 7.17 -3.08
CA ALA B 238 8.39 8.22 -3.61
C ALA B 238 8.78 9.55 -2.95
N GLN B 239 9.13 9.54 -1.68
CA GLN B 239 9.58 10.79 -1.03
C GLN B 239 10.91 11.27 -1.59
N ILE B 240 11.80 10.37 -1.90
CA ILE B 240 13.11 10.75 -2.47
C ILE B 240 12.88 11.34 -3.86
N GLU B 241 11.93 10.78 -4.61
CA GLU B 241 11.60 11.32 -5.96
C GLU B 241 11.14 12.78 -5.78
N ALA B 242 10.28 13.06 -4.80
CA ALA B 242 9.83 14.46 -4.53
C ALA B 242 11.01 15.34 -4.19
N ASP B 243 11.97 14.85 -3.42
CA ASP B 243 13.16 15.63 -3.06
C ASP B 243 14.02 15.94 -4.30
N PHE B 244 14.18 15.01 -5.21
CA PHE B 244 14.90 15.29 -6.48
C PHE B 244 14.15 16.35 -7.27
N GLN B 245 12.83 16.21 -7.37
CA GLN B 245 11.99 17.16 -8.13
C GLN B 245 12.15 18.55 -7.52
N ALA B 246 12.34 18.62 -6.21
CA ALA B 246 12.43 19.87 -5.46
C ALA B 246 13.85 20.43 -5.47
N GLY B 247 14.80 19.79 -6.17
CA GLY B 247 16.14 20.34 -6.34
C GLY B 247 17.10 20.03 -5.20
N LYS B 248 16.83 18.99 -4.43
CA LYS B 248 17.64 18.68 -3.23
C LYS B 248 18.75 17.66 -3.49
N CYS B 249 18.76 17.00 -4.63
CA CYS B 249 19.50 15.72 -4.85
C CYS B 249 20.18 15.88 -6.23
N ALA B 250 21.50 15.65 -6.40
CA ALA B 250 22.10 15.64 -7.74
C ALA B 250 21.87 14.31 -8.47
N VAL B 251 21.78 13.22 -7.73
CA VAL B 251 21.72 11.86 -8.30
C VAL B 251 20.69 11.05 -7.51
N PHE B 252 19.81 10.33 -8.19
CA PHE B 252 19.02 9.32 -7.48
C PHE B 252 18.48 8.30 -8.48
N ALA B 253 18.27 7.09 -7.98
CA ALA B 253 17.78 5.98 -8.84
C ALA B 253 16.26 5.86 -8.83
N SER B 254 15.67 5.70 -10.01
CA SER B 254 14.24 5.43 -10.13
C SER B 254 13.95 4.80 -11.46
N GLY B 255 12.65 4.70 -11.71
CA GLY B 255 12.16 4.10 -12.94
C GLY B 255 11.84 5.11 -14.01
N PRO B 256 11.34 4.66 -15.17
CA PRO B 256 11.09 5.51 -16.31
C PRO B 256 9.98 6.53 -16.18
N TRP B 257 9.17 6.38 -15.14
CA TRP B 257 7.97 7.24 -14.94
C TRP B 257 8.39 8.68 -14.70
N MET B 258 9.60 8.93 -14.18
CA MET B 258 10.05 10.31 -13.89
C MET B 258 10.13 11.11 -15.21
N ILE B 259 10.42 10.48 -16.33
CA ILE B 259 10.59 11.15 -17.64
C ILE B 259 9.26 11.81 -18.04
N GLN B 260 8.15 11.09 -17.90
CA GLN B 260 6.79 11.62 -18.15
C GLN B 260 6.50 12.73 -17.18
N ARG B 261 6.80 12.52 -15.90
CA ARG B 261 6.44 13.49 -14.85
C ARG B 261 7.15 14.81 -15.19
N ALA B 262 8.36 14.77 -15.75
CA ALA B 262 9.18 15.97 -16.05
C ALA B 262 8.59 16.78 -17.19
N GLN B 263 7.73 16.18 -18.02
CA GLN B 263 7.08 16.86 -19.18
C GLN B 263 5.71 17.45 -18.79
N VAL B 264 5.22 17.19 -17.59
CA VAL B 264 3.86 17.54 -17.14
C VAL B 264 3.94 18.77 -16.25
N PRO B 265 3.33 19.89 -16.72
CA PRO B 265 3.25 21.07 -15.87
C PRO B 265 2.86 20.58 -14.48
N GLU B 266 3.38 21.20 -13.44
CA GLU B 266 3.00 20.97 -12.03
C GLU B 266 1.47 21.16 -11.86
N ALA B 267 0.81 21.99 -12.68
CA ALA B 267 -0.67 22.18 -12.62
C ALA B 267 -1.39 20.85 -12.91
N LYS B 268 -0.80 19.99 -13.74
CA LYS B 268 -1.36 18.65 -14.10
C LYS B 268 -0.57 17.52 -13.42
N GLY B 269 0.04 17.79 -12.28
CA GLY B 269 0.69 16.81 -11.38
C GLY B 269 2.14 16.46 -11.73
N GLY B 270 2.78 17.09 -12.72
CA GLY B 270 4.21 16.83 -13.01
C GLY B 270 5.12 17.80 -12.31
N PHE B 271 6.35 17.94 -12.78
CA PHE B 271 7.32 18.92 -12.20
C PHE B 271 7.98 19.69 -13.36
N ALA B 272 7.29 19.96 -14.48
CA ALA B 272 7.94 20.52 -15.67
C ALA B 272 8.57 21.89 -15.39
N GLU B 273 8.02 22.69 -14.45
CA GLU B 273 8.49 24.06 -14.21
C GLU B 273 9.72 24.05 -13.31
N ARG B 274 10.04 22.90 -12.70
CA ARG B 274 11.17 22.83 -11.73
C ARG B 274 12.50 22.70 -12.46
N THR B 275 13.56 23.28 -11.90
CA THR B 275 14.92 23.22 -12.52
C THR B 275 15.26 21.77 -12.85
N ALA B 276 14.96 20.85 -11.96
CA ALA B 276 15.34 19.44 -12.17
C ALA B 276 14.77 18.90 -13.46
N ALA B 277 13.55 19.28 -13.81
CA ALA B 277 12.94 18.77 -15.06
C ALA B 277 13.67 19.27 -16.30
N LYS B 278 14.20 20.49 -16.23
CA LYS B 278 14.87 21.16 -17.35
C LYS B 278 16.33 20.70 -17.48
N ASN B 279 16.82 19.91 -16.54
CA ASN B 279 18.25 19.60 -16.40
C ASN B 279 18.37 18.12 -16.08
N LEU B 280 17.69 17.28 -16.83
CA LEU B 280 17.45 15.89 -16.42
C LEU B 280 18.27 14.98 -17.33
N GLY B 281 19.15 14.20 -16.70
CA GLY B 281 19.94 13.17 -17.37
C GLY B 281 19.57 11.84 -16.74
N VAL B 282 19.90 10.78 -17.46
CA VAL B 282 19.82 9.40 -16.92
CA VAL B 282 19.78 9.36 -16.98
C VAL B 282 21.04 8.62 -17.42
N ALA B 283 21.48 7.71 -16.56
CA ALA B 283 22.53 6.74 -16.87
C ALA B 283 22.25 5.43 -16.20
N PRO B 284 22.66 4.28 -16.80
CA PRO B 284 22.53 3.03 -16.10
C PRO B 284 23.40 2.99 -14.83
N TYR B 285 23.09 2.09 -13.93
CA TYR B 285 23.94 1.79 -12.76
C TYR B 285 25.34 1.49 -13.25
N PRO B 286 26.34 1.84 -12.43
CA PRO B 286 27.73 1.60 -12.80
C PRO B 286 28.05 0.11 -12.72
N ALA B 287 29.05 -0.27 -13.52
CA ALA B 287 29.66 -1.61 -13.44
C ALA B 287 30.45 -1.76 -12.17
N GLY B 288 30.29 -2.85 -11.45
CA GLY B 288 31.14 -3.29 -10.39
C GLY B 288 32.29 -4.11 -10.94
N PRO B 289 33.13 -4.68 -10.06
CA PRO B 289 34.27 -5.48 -10.47
C PRO B 289 33.87 -6.66 -11.35
N LYS B 290 32.63 -7.17 -11.19
CA LYS B 290 32.15 -8.36 -11.88
C LYS B 290 30.94 -8.03 -12.77
N GLY B 291 30.76 -6.78 -13.17
CA GLY B 291 29.81 -6.44 -14.22
C GLY B 291 28.81 -5.37 -13.86
N ARG B 292 28.09 -4.92 -14.86
CA ARG B 292 26.99 -3.95 -14.73
C ARG B 292 25.69 -4.74 -14.73
N TYR B 293 24.82 -4.40 -13.74
CA TYR B 293 23.50 -5.04 -13.63
C TYR B 293 22.43 -3.99 -13.32
N THR B 294 21.30 -4.20 -13.95
CA THR B 294 20.11 -3.35 -13.80
C THR B 294 19.02 -4.18 -13.14
N PHE B 295 18.49 -3.70 -12.01
CA PHE B 295 17.40 -4.43 -11.36
C PHE B 295 16.15 -4.38 -12.25
N PHE B 296 15.53 -5.56 -12.43
CA PHE B 296 14.19 -5.67 -13.01
C PHE B 296 13.23 -6.28 -12.02
N GLY B 297 12.07 -5.65 -12.00
CA GLY B 297 10.84 -6.21 -11.41
C GLY B 297 9.66 -5.88 -12.34
N GLY B 298 8.52 -5.55 -11.74
CA GLY B 298 7.32 -5.25 -12.53
C GLY B 298 6.30 -6.34 -12.30
N SER B 299 5.39 -6.51 -13.25
CA SER B 299 4.24 -7.39 -13.05
C SER B 299 4.01 -8.25 -14.29
N ASN B 300 3.42 -9.40 -13.99
CA ASN B 300 2.95 -10.39 -14.96
C ASN B 300 1.45 -10.59 -14.76
N LEU B 301 0.86 -11.38 -15.64
CA LEU B 301 -0.54 -11.77 -15.54
C LEU B 301 -0.62 -13.28 -15.51
N ALA B 302 -1.53 -13.82 -14.70
CA ALA B 302 -1.71 -15.28 -14.56
C ALA B 302 -3.21 -15.62 -14.66
N LEU B 303 -3.47 -16.87 -15.00
CA LEU B 303 -4.79 -17.44 -15.23
C LEU B 303 -5.06 -18.55 -14.22
N PHE B 304 -6.09 -18.39 -13.37
CA PHE B 304 -6.43 -19.46 -12.39
C PHE B 304 -6.95 -20.71 -13.11
N ASN B 305 -6.51 -21.87 -12.64
CA ASN B 305 -6.85 -23.13 -13.30
C ASN B 305 -8.30 -23.53 -13.07
N PHE B 306 -9.04 -22.81 -12.22
CA PHE B 306 -10.49 -23.07 -12.02
C PHE B 306 -11.30 -22.09 -12.85
N SER B 307 -10.65 -21.21 -13.63
CA SER B 307 -11.42 -20.33 -14.54
C SER B 307 -12.33 -21.12 -15.48
N LYS B 308 -13.55 -20.64 -15.67
CA LYS B 308 -14.51 -21.24 -16.61
C LYS B 308 -14.40 -20.59 -17.99
N ASN B 309 -13.46 -19.67 -18.16
CA ASN B 309 -13.34 -18.81 -19.35
C ASN B 309 -11.91 -18.90 -19.87
N LYS B 310 -11.23 -20.03 -19.80
CA LYS B 310 -9.78 -20.12 -20.15
C LYS B 310 -9.54 -19.71 -21.59
N PRO B 311 -10.28 -20.17 -22.62
CA PRO B 311 -9.96 -19.73 -23.99
C PRO B 311 -10.01 -18.21 -24.15
N LEU B 312 -11.06 -17.56 -23.68
CA LEU B 312 -11.20 -16.10 -23.83
C LEU B 312 -10.14 -15.42 -22.95
N ALA B 313 -9.88 -15.95 -21.74
CA ALA B 313 -8.85 -15.39 -20.86
C ALA B 313 -7.48 -15.44 -21.54
N LYS B 314 -7.14 -16.54 -22.22
CA LYS B 314 -5.87 -16.64 -22.94
C LYS B 314 -5.87 -15.62 -24.09
N GLU B 315 -6.99 -15.39 -24.76
CA GLU B 315 -7.05 -14.34 -25.83
C GLU B 315 -6.76 -12.98 -25.20
N LEU B 316 -7.25 -12.72 -24.00
CA LEU B 316 -6.97 -11.42 -23.35
C LEU B 316 -5.49 -11.40 -22.96
N LEU B 317 -4.90 -12.50 -22.47
CA LEU B 317 -3.44 -12.48 -22.18
C LEU B 317 -2.63 -12.18 -23.42
N LYS B 318 -2.98 -12.74 -24.56
CA LYS B 318 -2.26 -12.44 -25.83
C LYS B 318 -2.42 -10.97 -26.16
N TYR B 319 -3.58 -10.42 -25.93
CA TYR B 319 -3.83 -9.01 -26.26
C TYR B 319 -2.96 -8.14 -25.34
N LEU B 320 -3.07 -8.35 -24.03
CA LEU B 320 -2.35 -7.48 -23.08
C LEU B 320 -0.84 -7.66 -23.21
N GLY B 321 -0.38 -8.84 -23.61
CA GLY B 321 1.05 -9.13 -23.73
C GLY B 321 1.65 -8.68 -25.04
N GLY B 322 0.78 -8.31 -25.97
CA GLY B 322 1.09 -8.11 -27.40
C GLY B 322 1.41 -6.67 -27.74
N PRO B 323 1.91 -6.42 -28.97
CA PRO B 323 2.50 -5.11 -29.33
C PRO B 323 1.76 -3.79 -28.98
N GLU B 324 0.56 -3.68 -29.50
CA GLU B 324 -0.21 -2.44 -29.34
CA GLU B 324 -0.38 -2.55 -29.35
C GLU B 324 -0.56 -2.24 -27.85
N ALA B 325 -1.08 -3.28 -27.14
CA ALA B 325 -1.44 -3.02 -25.71
C ALA B 325 -0.20 -2.78 -24.86
N GLN B 326 0.94 -3.35 -25.27
CA GLN B 326 2.23 -3.19 -24.54
C GLN B 326 2.67 -1.74 -24.54
N VAL B 327 2.59 -1.10 -25.68
CA VAL B 327 3.03 0.32 -25.77
C VAL B 327 2.07 1.19 -24.99
N ARG B 328 0.76 1.00 -25.19
CA ARG B 328 -0.27 1.85 -24.52
CA ARG B 328 -0.23 1.88 -24.53
C ARG B 328 -0.10 1.72 -23.01
N TYR B 329 -0.02 0.50 -22.49
CA TYR B 329 -0.01 0.34 -21.02
C TYR B 329 1.32 0.80 -20.43
N ALA B 330 2.41 0.65 -21.14
CA ALA B 330 3.73 1.17 -20.64
C ALA B 330 3.65 2.68 -20.51
N GLN B 331 2.98 3.34 -21.43
CA GLN B 331 2.78 4.81 -21.39
C GLN B 331 1.89 5.14 -20.20
N MET B 332 0.80 4.42 -19.98
CA MET B 332 -0.13 4.71 -18.88
C MET B 332 0.57 4.52 -17.53
N THR B 333 1.46 3.54 -17.39
CA THR B 333 2.09 3.17 -16.11
C THR B 333 3.46 3.87 -15.92
N GLY B 334 4.00 4.46 -16.97
CA GLY B 334 5.40 4.95 -16.93
C GLY B 334 6.46 3.89 -16.83
N MET B 335 6.14 2.66 -17.24
CA MET B 335 7.02 1.49 -17.15
C MET B 335 7.62 1.15 -18.51
N LEU B 336 8.51 0.19 -18.54
CA LEU B 336 9.09 -0.29 -19.81
C LEU B 336 8.22 -1.45 -20.27
N PRO B 337 7.85 -1.53 -21.56
CA PRO B 337 7.15 -2.74 -21.97
C PRO B 337 7.91 -4.01 -21.65
N ALA B 338 7.17 -5.06 -21.33
CA ALA B 338 7.79 -6.38 -21.12
C ALA B 338 8.19 -6.96 -22.47
N LEU B 339 7.44 -6.64 -23.53
CA LEU B 339 7.66 -7.20 -24.88
C LEU B 339 8.76 -6.39 -25.57
N ARG B 340 9.88 -6.97 -25.89
CA ARG B 340 11.07 -6.18 -26.34
C ARG B 340 10.77 -5.46 -27.66
N SER B 341 9.97 -6.02 -28.55
CA SER B 341 9.62 -5.37 -29.86
C SER B 341 8.92 -4.02 -29.64
N ALA B 342 8.23 -3.85 -28.51
CA ALA B 342 7.46 -2.62 -28.20
C ALA B 342 8.43 -1.45 -27.95
N TRP B 343 9.69 -1.74 -27.61
CA TRP B 343 10.67 -0.68 -27.31
C TRP B 343 10.97 0.07 -28.61
N SER B 344 10.66 -0.52 -29.76
CA SER B 344 10.89 0.11 -31.08
C SER B 344 9.80 1.13 -31.41
N ASP B 345 8.70 1.17 -30.68
CA ASP B 345 7.63 2.17 -30.97
C ASP B 345 8.19 3.59 -30.86
N PRO B 346 7.76 4.59 -31.69
CA PRO B 346 8.23 5.97 -31.56
C PRO B 346 8.00 6.61 -30.18
N SER B 347 6.94 6.25 -29.45
CA SER B 347 6.72 6.88 -28.13
C SER B 347 7.86 6.50 -27.18
N PHE B 348 8.59 5.42 -27.41
CA PHE B 348 9.78 5.13 -26.57
C PHE B 348 11.00 5.72 -27.28
N GLN B 349 11.15 5.33 -28.53
CA GLN B 349 12.36 5.62 -29.32
C GLN B 349 12.65 7.08 -29.43
N GLN B 350 11.60 7.92 -29.55
CA GLN B 350 11.66 9.38 -29.83
C GLN B 350 12.36 10.07 -28.67
N ASN B 351 12.29 9.52 -27.46
CA ASN B 351 12.77 10.26 -26.28
C ASN B 351 14.14 9.75 -25.86
N PRO B 352 15.21 10.56 -25.89
CA PRO B 352 16.56 10.06 -25.61
C PRO B 352 16.71 9.54 -24.18
N LEU B 353 15.94 10.07 -23.20
CA LEU B 353 15.99 9.49 -21.83
C LEU B 353 15.41 8.09 -21.81
N LEU B 354 14.34 7.83 -22.53
CA LEU B 354 13.76 6.45 -22.59
C LEU B 354 14.75 5.54 -23.33
N ARG B 355 15.43 6.04 -24.37
CA ARG B 355 16.45 5.21 -25.04
C ARG B 355 17.55 4.82 -24.06
N THR B 356 17.95 5.70 -23.14
CA THR B 356 18.93 5.32 -22.09
C THR B 356 18.37 4.22 -21.16
N PHE B 357 17.10 4.20 -20.87
CA PHE B 357 16.46 3.04 -20.18
C PHE B 357 16.57 1.78 -21.01
N ILE B 358 16.43 1.84 -22.31
CA ILE B 358 16.61 0.66 -23.18
C ILE B 358 18.06 0.19 -23.06
N GLN B 359 19.03 1.11 -23.06
CA GLN B 359 20.45 0.77 -22.85
C GLN B 359 20.59 0.08 -21.48
N ALA B 360 19.95 0.62 -20.43
CA ALA B 360 20.06 0.04 -19.08
C ALA B 360 19.47 -1.35 -19.09
N ALA B 361 18.45 -1.56 -19.90
CA ALA B 361 17.74 -2.85 -19.97
C ALA B 361 18.64 -3.97 -20.46
N GLN B 362 19.71 -3.65 -21.18
CA GLN B 362 20.60 -4.68 -21.73
C GLN B 362 21.34 -5.39 -20.61
N PHE B 363 21.37 -4.79 -19.43
CA PHE B 363 22.07 -5.33 -18.25
C PHE B 363 21.06 -5.93 -17.24
N GLY B 364 19.84 -6.11 -17.67
CA GLY B 364 18.72 -6.46 -16.78
C GLY B 364 18.94 -7.77 -16.07
N ARG B 365 18.55 -7.86 -14.81
CA ARG B 365 18.74 -9.05 -13.97
C ARG B 365 17.62 -9.07 -12.93
N THR B 366 17.08 -10.26 -12.69
CA THR B 366 16.08 -10.35 -11.63
CA THR B 366 15.94 -10.52 -11.78
C THR B 366 16.38 -11.50 -10.68
N TYR B 367 15.64 -11.55 -9.60
CA TYR B 367 15.82 -12.62 -8.61
C TYR B 367 15.34 -13.94 -9.20
N PRO B 368 15.85 -15.09 -8.71
CA PRO B 368 15.29 -16.35 -9.12
C PRO B 368 13.84 -16.48 -8.60
N SER B 369 13.00 -17.16 -9.39
CA SER B 369 11.54 -17.23 -9.17
C SER B 369 11.19 -18.28 -8.13
N LEU B 370 11.56 -18.11 -6.87
CA LEU B 370 11.42 -19.18 -5.85
C LEU B 370 10.07 -19.19 -5.18
N ALA B 371 9.59 -20.37 -4.79
CA ALA B 371 8.33 -20.45 -4.03
C ALA B 371 8.44 -19.70 -2.72
N GLY B 372 9.61 -19.74 -2.08
CA GLY B 372 9.81 -19.13 -0.75
C GLY B 372 10.40 -17.71 -0.85
N TRP B 373 10.32 -17.05 -1.99
CA TRP B 373 11.00 -15.76 -2.20
C TRP B 373 10.57 -14.72 -1.14
N GLY B 374 9.30 -14.64 -0.82
CA GLY B 374 8.82 -13.60 0.12
C GLY B 374 9.62 -13.65 1.42
N GLY B 375 9.77 -14.81 1.99
CA GLY B 375 10.55 -15.03 3.23
C GLY B 375 11.99 -14.63 3.07
N VAL B 376 12.59 -15.01 1.94
CA VAL B 376 13.99 -14.69 1.66
C VAL B 376 14.09 -13.16 1.74
N GLU B 377 13.27 -12.48 0.97
CA GLU B 377 13.38 -11.00 0.77
C GLU B 377 13.11 -10.36 2.12
N ASN B 378 12.05 -10.78 2.80
CA ASN B 378 11.69 -10.15 4.09
C ASN B 378 12.88 -10.26 5.06
N LEU B 379 13.47 -11.43 5.20
CA LEU B 379 14.55 -11.66 6.17
C LEU B 379 15.79 -10.90 5.73
N ALA B 380 16.06 -10.82 4.43
CA ALA B 380 17.21 -10.06 3.91
C ALA B 380 17.04 -8.58 4.29
N VAL B 381 15.82 -8.07 4.11
CA VAL B 381 15.51 -6.64 4.35
C VAL B 381 15.55 -6.33 5.84
N GLN B 382 15.18 -7.24 6.72
CA GLN B 382 15.32 -7.02 8.18
C GLN B 382 16.77 -6.73 8.49
N HIS B 383 17.67 -7.57 7.95
CA HIS B 383 19.12 -7.50 8.31
C HIS B 383 19.78 -6.33 7.59
N LEU B 384 19.38 -6.05 6.37
CA LEU B 384 19.87 -4.87 5.66
C LEU B 384 19.46 -3.63 6.44
N GLY B 385 18.26 -3.63 6.99
CA GLY B 385 17.78 -2.51 7.81
C GLY B 385 18.63 -2.28 9.05
N MET B 386 19.08 -3.34 9.68
CA MET B 386 20.00 -3.20 10.83
C MET B 386 21.31 -2.58 10.35
N ALA B 387 21.79 -2.92 9.15
CA ALA B 387 23.02 -2.40 8.58
C ALA B 387 22.80 -0.90 8.32
N TRP B 388 21.66 -0.52 7.69
CA TRP B 388 21.35 0.92 7.48
C TRP B 388 21.34 1.69 8.80
N ASP B 389 20.81 1.10 9.87
CA ASP B 389 20.80 1.77 11.18
C ASP B 389 22.26 1.99 11.66
N LEU B 390 23.18 1.09 11.37
CA LEU B 390 24.61 1.36 11.71
C LEU B 390 25.12 2.50 10.85
N VAL B 391 24.82 2.49 9.55
CA VAL B 391 25.26 3.57 8.63
C VAL B 391 24.82 4.92 9.17
N ALA B 392 23.60 5.00 9.64
CA ALA B 392 22.99 6.26 10.10
C ALA B 392 23.82 6.84 11.26
N GLN B 393 24.57 6.00 11.96
CA GLN B 393 25.40 6.43 13.11
C GLN B 393 26.89 6.45 12.75
N GLY B 394 27.26 6.13 11.51
CA GLY B 394 28.67 5.99 11.10
C GLY B 394 29.36 4.81 11.70
N ARG B 395 28.61 3.78 12.07
CA ARG B 395 29.09 2.59 12.80
CA ARG B 395 29.20 2.62 12.74
C ARG B 395 29.14 1.36 11.87
N LEU B 396 28.87 1.47 10.57
CA LEU B 396 28.95 0.24 9.77
C LEU B 396 30.43 -0.07 9.46
N THR B 397 30.93 -1.12 10.05
CA THR B 397 32.24 -1.67 9.64
C THR B 397 32.02 -2.89 8.77
N ARG B 398 33.06 -3.35 8.09
CA ARG B 398 32.97 -4.62 7.34
C ARG B 398 32.64 -5.75 8.31
N GLU B 399 33.25 -5.79 9.49
CA GLU B 399 32.96 -6.89 10.46
C GLU B 399 31.50 -6.86 10.91
N ALA B 400 30.97 -5.67 11.14
CA ALA B 400 29.59 -5.54 11.63
C ALA B 400 28.65 -6.00 10.51
N LEU B 401 28.96 -5.65 9.26
CA LEU B 401 28.11 -6.03 8.12
C LEU B 401 28.13 -7.55 8.01
N LYS B 402 29.34 -8.14 8.08
CA LYS B 402 29.48 -9.62 7.96
C LYS B 402 28.63 -10.30 9.04
N ASP B 403 28.69 -9.82 10.29
CA ASP B 403 27.88 -10.44 11.36
C ASP B 403 26.39 -10.37 11.07
N LEU B 404 25.92 -9.22 10.54
CA LEU B 404 24.50 -9.10 10.21
C LEU B 404 24.13 -10.01 9.05
N MET B 405 25.00 -10.16 8.06
CA MET B 405 24.65 -10.98 6.87
C MET B 405 24.81 -12.47 7.24
N ASP B 406 25.63 -12.78 8.25
CA ASP B 406 25.67 -14.19 8.76
C ASP B 406 24.34 -14.50 9.44
N LYS B 407 23.82 -13.60 10.24
CA LYS B 407 22.54 -13.80 10.90
C LYS B 407 21.43 -13.91 9.85
N ALA B 408 21.42 -13.03 8.85
CA ALA B 408 20.45 -13.03 7.75
C ALA B 408 20.47 -14.42 7.10
N SER B 409 21.66 -14.91 6.81
CA SER B 409 21.91 -16.22 6.11
C SER B 409 21.34 -17.38 6.92
N ALA B 410 21.60 -17.41 8.23
CA ALA B 410 21.04 -18.45 9.12
C ALA B 410 19.51 -18.48 9.02
N ALA B 411 18.87 -17.29 9.10
CA ALA B 411 17.41 -17.17 9.07
C ALA B 411 16.87 -17.55 7.69
N ILE B 412 17.48 -17.05 6.63
CA ILE B 412 17.06 -17.34 5.24
C ILE B 412 17.15 -18.86 5.01
N ASN B 413 18.25 -19.45 5.43
CA ASN B 413 18.50 -20.90 5.17
C ASN B 413 17.43 -21.73 5.88
N GLN B 414 17.06 -21.35 7.09
CA GLN B 414 15.96 -22.03 7.83
C GLN B 414 14.64 -21.87 7.08
N ALA B 415 14.34 -20.67 6.61
CA ALA B 415 13.09 -20.34 5.88
C ALA B 415 13.01 -21.23 4.60
N LEU B 416 14.12 -21.42 3.89
CA LEU B 416 14.15 -22.14 2.60
C LEU B 416 14.01 -23.63 2.86
N ARG B 417 14.25 -24.04 4.09
CA ARG B 417 14.21 -25.45 4.52
C ARG B 417 12.77 -25.77 4.92
#